data_9BL7
#
_entry.id   9BL7
#
_cell.length_a   1.00
_cell.length_b   1.00
_cell.length_c   1.00
_cell.angle_alpha   90.00
_cell.angle_beta   90.00
_cell.angle_gamma   90.00
#
_symmetry.space_group_name_H-M   'P 1'
#
loop_
_entity.id
_entity.type
_entity.pdbx_description
1 polymer 'Uncharacterized MFS-type transporter EfpA'
2 non-polymer '(2S)-3-{[(R)-[(2R)-2,3-dihydroxypropoxy](hydroxy)phosphoryl]oxy}-2-{[(2E,9E,13E)-hexadeca-2,9,13-trienoyl]oxy}propyl (4E,9E,11Z,15E)-octadeca-4,9,11,15-tetraenoate'
#
_entity_poly.entity_id   1
_entity_poly.type   'polypeptide(L)'
_entity_poly.pdbx_seq_one_letter_code
;MGSSDYKDDDDKSSGLVPRGSMADLEDNWETLNDNLKVIEKADNAAQVKDALTKMRAAALDAQKATPPKLEDKSPDSPEM
KDFRHGFDILVGQIDDALKLANEGKVKEAQAAAEQLKTTRNAYIQKYLRSFIAAVIAIGGMQLLATMDSTVAIVALPKIQ
NELSLSDAGRSWVITAYVLTFGGLMLLGGRLGDTIGRKRTFIVGVALFTISSVLCAVAWDEATLVIARLSQGVGSAIASP
TGLALVATTFRKGPARNAATAVFAAMTAIGSVMGLVVGGALTEVSWRWAFLVNVPIGLVMIYLARTALRETNKERMKLDA
TGAILATLACTAAVFAFSIGPEKGWMSGITIGSGLVALAAAVAFVIVERTAENPVVPFHLFRDRNRLVTFSAILLAGGVM
FSLTVCIGLYVQDILGYSALRAGVGFIPFVIAMGIGLGVSSQLVSRFSPRVLTIGGGYLLFGAMLYGSFFMHRGVPYFPN
LVMPIVVGGIGIGMAVVPLTLSAIAGVGFDQIGPVSAIALMLQSLGGPLVLAVIQAVITSRTLYLGGTTGPVKFMNDVQL
AALDHAYTYGLLWVAGAAIIVGGMALFIGYTPQQVAHAQEVKEAIDAGELSSENLYFQGHHHHHHHHHH
;
_entity_poly.pdbx_strand_id   A,B
#
loop_
_chem_comp.id
_chem_comp.type
_chem_comp.name
_chem_comp.formula
A1ATG non-polymer '(2S)-3-{[(R)-[(2R)-2,3-dihydroxypropoxy](hydroxy)phosphoryl]oxy}-2-{[(2E,9E,13E)-hexadeca-2,9,13-trienoyl]oxy}propyl (4E,9E,11Z,15E)-octadeca-4,9,11,15-tetraenoate' 'C40 H65 O10 P'
#
# COMPACT_ATOMS: atom_id res chain seq x y z
N ARG A 129 -17.94 -11.86 -38.96
CA ARG A 129 -18.55 -10.55 -38.74
C ARG A 129 -19.69 -10.66 -37.73
N SER A 130 -20.19 -11.86 -37.53
CA SER A 130 -21.27 -12.08 -36.57
C SER A 130 -20.79 -11.81 -35.14
N PHE A 131 -19.57 -12.24 -34.81
CA PHE A 131 -19.08 -12.07 -33.45
C PHE A 131 -18.77 -10.61 -33.13
N ILE A 132 -18.04 -9.93 -34.01
CA ILE A 132 -17.58 -8.59 -33.69
C ILE A 132 -18.76 -7.61 -33.63
N ALA A 133 -19.76 -7.81 -34.49
CA ALA A 133 -20.92 -6.92 -34.47
C ALA A 133 -21.80 -7.19 -33.26
N ALA A 134 -21.80 -8.41 -32.74
CA ALA A 134 -22.64 -8.73 -31.60
C ALA A 134 -22.11 -8.10 -30.32
N VAL A 135 -20.80 -8.21 -30.08
CA VAL A 135 -20.24 -7.72 -28.82
C VAL A 135 -20.22 -6.20 -28.79
N ILE A 136 -19.96 -5.56 -29.94
CA ILE A 136 -19.95 -4.10 -30.01
C ILE A 136 -21.32 -3.54 -29.63
N ALA A 137 -22.39 -4.16 -30.15
CA ALA A 137 -23.73 -3.70 -29.82
C ALA A 137 -24.07 -3.94 -28.36
N ILE A 138 -23.51 -5.01 -27.76
CA ILE A 138 -23.82 -5.33 -26.37
C ILE A 138 -23.27 -4.26 -25.44
N GLY A 139 -22.02 -3.85 -25.64
CA GLY A 139 -21.40 -2.83 -24.82
C GLY A 139 -21.67 -1.42 -25.25
N GLY A 140 -22.63 -1.20 -26.15
CA GLY A 140 -22.86 0.13 -26.70
C GLY A 140 -23.36 1.13 -25.69
N MET A 141 -24.17 0.70 -24.72
CA MET A 141 -24.70 1.64 -23.74
C MET A 141 -23.59 2.13 -22.81
N GLN A 142 -22.55 1.30 -22.59
CA GLN A 142 -21.41 1.76 -21.82
C GLN A 142 -20.69 2.91 -22.53
N LEU A 143 -20.59 2.83 -23.85
CA LEU A 143 -20.02 3.94 -24.61
C LEU A 143 -20.88 5.19 -24.49
N LEU A 144 -22.20 5.04 -24.55
CA LEU A 144 -23.09 6.20 -24.51
C LEU A 144 -23.11 6.85 -23.13
N ALA A 145 -23.24 6.04 -22.08
CA ALA A 145 -23.41 6.60 -20.74
C ALA A 145 -22.16 7.35 -20.28
N THR A 146 -20.98 6.80 -20.53
CA THR A 146 -19.75 7.44 -20.07
C THR A 146 -19.41 8.67 -20.91
N MET A 147 -19.65 8.60 -22.22
CA MET A 147 -19.26 9.71 -23.09
C MET A 147 -20.20 10.89 -22.91
N ASP A 148 -21.51 10.63 -22.73
CA ASP A 148 -22.44 11.72 -22.49
C ASP A 148 -22.20 12.36 -21.13
N SER A 149 -21.77 11.58 -20.14
CA SER A 149 -21.49 12.13 -18.82
C SER A 149 -20.35 13.13 -18.87
N THR A 150 -19.30 12.82 -19.62
CA THR A 150 -18.14 13.72 -19.69
C THR A 150 -18.47 15.00 -20.47
N VAL A 151 -19.27 14.88 -21.53
CA VAL A 151 -19.60 16.05 -22.34
C VAL A 151 -20.49 17.01 -21.56
N ALA A 152 -21.42 16.48 -20.77
CA ALA A 152 -22.29 17.34 -19.98
C ALA A 152 -21.51 18.13 -18.94
N ILE A 153 -20.44 17.55 -18.40
CA ILE A 153 -19.62 18.27 -17.43
C ILE A 153 -18.81 19.37 -18.11
N VAL A 154 -18.27 19.09 -19.30
CA VAL A 154 -17.43 20.05 -19.98
C VAL A 154 -18.24 21.28 -20.42
N ALA A 155 -19.43 21.06 -20.98
CA ALA A 155 -20.22 22.14 -21.53
C ALA A 155 -21.06 22.85 -20.48
N LEU A 156 -20.89 22.51 -19.20
CA LEU A 156 -21.68 23.15 -18.15
C LEU A 156 -21.45 24.66 -18.04
N PRO A 157 -20.21 25.18 -18.07
CA PRO A 157 -20.06 26.64 -17.95
C PRO A 157 -20.75 27.44 -19.03
N LYS A 158 -20.85 26.91 -20.26
CA LYS A 158 -21.52 27.67 -21.31
C LYS A 158 -23.04 27.70 -21.13
N ILE A 159 -23.60 26.73 -20.39
CA ILE A 159 -25.02 26.78 -20.08
C ILE A 159 -25.34 27.96 -19.19
N GLN A 160 -24.38 28.39 -18.36
CA GLN A 160 -24.57 29.58 -17.54
C GLN A 160 -24.76 30.82 -18.41
N ASN A 161 -23.95 30.95 -19.46
CA ASN A 161 -23.97 32.16 -20.28
C ASN A 161 -25.20 32.26 -21.16
N GLU A 162 -25.91 31.16 -21.40
CA GLU A 162 -27.06 31.15 -22.29
C GLU A 162 -28.37 30.97 -21.55
N LEU A 163 -28.50 29.91 -20.73
CA LEU A 163 -29.72 29.71 -19.97
C LEU A 163 -29.81 30.66 -18.78
N SER A 164 -28.67 31.02 -18.19
CA SER A 164 -28.61 31.89 -17.01
C SER A 164 -29.48 31.31 -15.89
N LEU A 165 -29.15 30.09 -15.49
CA LEU A 165 -29.89 29.37 -14.46
C LEU A 165 -29.19 29.41 -13.10
N SER A 166 -28.19 30.28 -12.95
CA SER A 166 -27.57 30.58 -11.66
C SER A 166 -26.80 29.38 -11.09
N ASP A 167 -26.16 29.60 -9.94
CA ASP A 167 -25.34 28.56 -9.32
C ASP A 167 -26.23 27.40 -8.84
N ALA A 168 -27.39 27.73 -8.25
CA ALA A 168 -28.24 26.67 -7.70
C ALA A 168 -28.73 25.73 -8.79
N GLY A 169 -28.91 26.23 -10.01
CA GLY A 169 -29.28 25.36 -11.13
C GLY A 169 -28.13 24.65 -11.79
N ARG A 170 -26.89 25.01 -11.44
CA ARG A 170 -25.74 24.35 -12.03
C ARG A 170 -25.70 22.87 -11.67
N SER A 171 -25.92 22.56 -10.40
CA SER A 171 -25.82 21.18 -9.93
C SER A 171 -27.09 20.37 -10.19
N TRP A 172 -28.19 21.01 -10.59
CA TRP A 172 -29.42 20.27 -10.82
C TRP A 172 -29.38 19.46 -12.11
N VAL A 173 -28.69 19.95 -13.14
CA VAL A 173 -28.60 19.19 -14.38
C VAL A 173 -27.74 17.95 -14.19
N ILE A 174 -26.74 18.01 -13.31
CA ILE A 174 -25.99 16.81 -12.98
C ILE A 174 -26.80 15.91 -12.07
N THR A 175 -27.53 16.49 -11.11
CA THR A 175 -28.32 15.69 -10.19
C THR A 175 -29.48 14.99 -10.89
N ALA A 176 -30.09 15.65 -11.87
CA ALA A 176 -31.31 15.12 -12.49
C ALA A 176 -31.04 13.78 -13.17
N TYR A 177 -29.91 13.66 -13.87
CA TYR A 177 -29.58 12.39 -14.51
C TYR A 177 -29.34 11.29 -13.48
N VAL A 178 -28.60 11.60 -12.42
CA VAL A 178 -28.24 10.59 -11.43
C VAL A 178 -29.47 10.12 -10.64
N LEU A 179 -30.45 11.00 -10.46
CA LEU A 179 -31.59 10.68 -9.60
C LEU A 179 -32.37 9.48 -10.13
N THR A 180 -32.61 9.44 -11.45
CA THR A 180 -33.38 8.35 -12.03
C THR A 180 -32.52 7.17 -12.46
N PHE A 181 -31.27 7.43 -12.84
CA PHE A 181 -30.38 6.34 -13.24
C PHE A 181 -30.08 5.42 -12.05
N GLY A 182 -29.87 6.00 -10.87
CA GLY A 182 -29.68 5.20 -9.68
C GLY A 182 -31.00 4.81 -9.03
N GLY A 183 -32.04 5.60 -9.29
CA GLY A 183 -33.33 5.31 -8.71
C GLY A 183 -34.01 4.10 -9.34
N LEU A 184 -33.88 3.95 -10.65
CA LEU A 184 -34.54 2.88 -11.39
C LEU A 184 -33.60 1.73 -11.75
N MET A 185 -32.41 1.68 -11.14
CA MET A 185 -31.47 0.62 -11.49
C MET A 185 -32.00 -0.75 -11.10
N LEU A 186 -32.60 -0.88 -9.92
CA LEU A 186 -33.08 -2.18 -9.46
C LEU A 186 -34.29 -2.63 -10.27
N LEU A 187 -35.15 -1.69 -10.66
CA LEU A 187 -36.30 -2.05 -11.49
C LEU A 187 -35.87 -2.57 -12.85
N GLY A 188 -34.85 -1.94 -13.44
CA GLY A 188 -34.41 -2.34 -14.76
C GLY A 188 -33.78 -3.72 -14.82
N GLY A 189 -33.26 -4.21 -13.69
CA GLY A 189 -32.68 -5.54 -13.67
C GLY A 189 -33.72 -6.62 -13.90
N ARG A 190 -34.85 -6.53 -13.21
CA ARG A 190 -35.93 -7.49 -13.35
C ARG A 190 -36.91 -7.15 -14.45
N LEU A 191 -36.73 -6.01 -15.13
CA LEU A 191 -37.63 -5.63 -16.20
C LEU A 191 -37.36 -6.45 -17.46
N GLY A 192 -36.13 -6.92 -17.64
CA GLY A 192 -35.80 -7.71 -18.82
C GLY A 192 -36.31 -9.13 -18.76
N ASP A 193 -36.58 -9.65 -17.56
CA ASP A 193 -37.09 -11.01 -17.44
C ASP A 193 -38.56 -11.10 -17.82
N THR A 194 -39.35 -10.09 -17.45
CA THR A 194 -40.78 -10.11 -17.71
C THR A 194 -41.13 -9.60 -19.11
N ILE A 195 -40.19 -9.01 -19.83
CA ILE A 195 -40.45 -8.41 -21.14
C ILE A 195 -39.57 -9.01 -22.23
N GLY A 196 -38.28 -9.19 -21.96
CA GLY A 196 -37.35 -9.67 -22.94
C GLY A 196 -36.04 -8.91 -22.86
N ARG A 197 -34.91 -9.64 -22.89
CA ARG A 197 -33.61 -8.98 -22.72
C ARG A 197 -33.23 -8.16 -23.94
N LYS A 198 -33.50 -8.68 -25.14
CA LYS A 198 -33.18 -7.91 -26.34
C LYS A 198 -34.13 -6.74 -26.52
N ARG A 199 -35.43 -6.95 -26.28
CA ARG A 199 -36.39 -5.86 -26.44
C ARG A 199 -36.12 -4.75 -25.44
N THR A 200 -35.76 -5.09 -24.21
CA THR A 200 -35.46 -4.09 -23.20
C THR A 200 -34.24 -3.26 -23.59
N PHE A 201 -33.23 -3.91 -24.17
CA PHE A 201 -32.02 -3.18 -24.55
C PHE A 201 -32.29 -2.18 -25.66
N ILE A 202 -33.27 -2.45 -26.54
CA ILE A 202 -33.56 -1.53 -27.63
C ILE A 202 -34.31 -0.30 -27.11
N VAL A 203 -35.33 -0.51 -26.28
CA VAL A 203 -36.11 0.62 -25.80
C VAL A 203 -35.28 1.50 -24.87
N GLY A 204 -34.38 0.90 -24.09
CA GLY A 204 -33.53 1.70 -23.22
C GLY A 204 -32.59 2.61 -23.99
N VAL A 205 -32.01 2.11 -25.09
CA VAL A 205 -31.16 2.94 -25.92
C VAL A 205 -31.99 3.97 -26.67
N ALA A 206 -33.15 3.56 -27.19
CA ALA A 206 -33.97 4.47 -27.99
C ALA A 206 -34.43 5.66 -27.17
N LEU A 207 -34.83 5.44 -25.91
CA LEU A 207 -35.23 6.55 -25.05
C LEU A 207 -34.03 7.43 -24.70
N PHE A 208 -32.83 6.84 -24.63
CA PHE A 208 -31.63 7.64 -24.39
C PHE A 208 -31.31 8.51 -25.60
N THR A 209 -31.35 7.93 -26.80
CA THR A 209 -31.06 8.70 -28.01
C THR A 209 -32.11 9.77 -28.25
N ILE A 210 -33.38 9.44 -28.01
CA ILE A 210 -34.45 10.42 -28.19
C ILE A 210 -34.25 11.60 -27.25
N SER A 211 -33.91 11.32 -26.00
CA SER A 211 -33.80 12.40 -25.01
C SER A 211 -32.60 13.31 -25.26
N SER A 212 -31.60 12.85 -26.02
CA SER A 212 -30.49 13.71 -26.38
C SER A 212 -30.91 14.80 -27.35
N VAL A 213 -31.83 14.50 -28.27
CA VAL A 213 -32.33 15.52 -29.18
C VAL A 213 -33.16 16.56 -28.42
N LEU A 214 -34.00 16.11 -27.48
CA LEU A 214 -34.79 17.06 -26.71
C LEU A 214 -33.90 17.86 -25.77
N CYS A 215 -32.78 17.27 -25.33
CA CYS A 215 -31.84 17.99 -24.48
C CYS A 215 -31.20 19.17 -25.22
N ALA A 216 -30.88 18.98 -26.50
CA ALA A 216 -30.18 20.00 -27.26
C ALA A 216 -31.09 21.11 -27.77
N VAL A 217 -32.40 20.99 -27.59
CA VAL A 217 -33.32 22.05 -27.97
C VAL A 217 -33.93 22.72 -26.73
N ALA A 218 -33.29 22.56 -25.58
CA ALA A 218 -33.80 23.14 -24.35
C ALA A 218 -33.76 24.66 -24.41
N TRP A 219 -34.83 25.28 -23.91
CA TRP A 219 -34.96 26.74 -23.94
C TRP A 219 -35.17 27.35 -22.56
N ASP A 220 -35.16 26.55 -21.50
CA ASP A 220 -35.21 27.06 -20.14
C ASP A 220 -34.72 25.91 -19.25
N GLU A 221 -34.42 26.23 -17.99
CA GLU A 221 -33.97 25.21 -17.06
C GLU A 221 -35.01 24.09 -16.91
N ALA A 222 -36.29 24.44 -16.97
CA ALA A 222 -37.34 23.42 -16.87
C ALA A 222 -37.27 22.43 -18.02
N THR A 223 -37.00 22.91 -19.23
CA THR A 223 -36.87 22.02 -20.36
C THR A 223 -35.62 21.14 -20.25
N LEU A 224 -34.52 21.71 -19.75
CA LEU A 224 -33.29 20.94 -19.64
C LEU A 224 -33.38 19.91 -18.51
N VAL A 225 -34.07 20.25 -17.42
CA VAL A 225 -34.20 19.33 -16.31
C VAL A 225 -35.02 18.12 -16.71
N ILE A 226 -36.12 18.34 -17.44
CA ILE A 226 -36.97 17.23 -17.86
C ILE A 226 -36.21 16.30 -18.79
N ALA A 227 -35.43 16.85 -19.72
CA ALA A 227 -34.65 16.02 -20.63
C ALA A 227 -33.61 15.18 -19.88
N ARG A 228 -32.94 15.79 -18.90
CA ARG A 228 -31.97 15.03 -18.11
C ARG A 228 -32.64 13.95 -17.27
N LEU A 229 -33.84 14.22 -16.78
CA LEU A 229 -34.58 13.21 -16.04
C LEU A 229 -34.88 11.99 -16.92
N SER A 230 -35.31 12.23 -18.15
CA SER A 230 -35.66 11.14 -19.05
C SER A 230 -34.43 10.41 -19.58
N GLN A 231 -33.28 11.07 -19.62
CA GLN A 231 -32.06 10.38 -20.04
C GLN A 231 -31.65 9.33 -19.04
N GLY A 232 -31.82 9.61 -17.75
CA GLY A 232 -31.48 8.61 -16.73
C GLY A 232 -32.40 7.40 -16.78
N VAL A 233 -33.68 7.62 -17.05
CA VAL A 233 -34.62 6.51 -17.11
C VAL A 233 -34.26 5.57 -18.24
N GLY A 234 -33.92 6.12 -19.41
CA GLY A 234 -33.49 5.29 -20.52
C GLY A 234 -32.19 4.57 -20.25
N SER A 235 -31.29 5.20 -19.50
CA SER A 235 -30.02 4.56 -19.15
C SER A 235 -30.19 3.50 -18.07
N ALA A 236 -31.11 3.71 -17.13
CA ALA A 236 -31.34 2.74 -16.07
C ALA A 236 -31.94 1.44 -16.59
N ILE A 237 -32.61 1.48 -17.74
CA ILE A 237 -33.23 0.28 -18.29
C ILE A 237 -32.23 -0.53 -19.09
N ALA A 238 -31.37 0.13 -19.86
CA ALA A 238 -30.47 -0.56 -20.79
C ALA A 238 -29.11 -0.89 -20.18
N SER A 239 -28.65 -0.11 -19.19
CA SER A 239 -27.33 -0.37 -18.63
C SER A 239 -27.23 -1.72 -17.93
N PRO A 240 -28.14 -2.10 -17.02
CA PRO A 240 -28.03 -3.44 -16.41
C PRO A 240 -28.24 -4.56 -17.41
N THR A 241 -29.03 -4.33 -18.47
CA THR A 241 -29.22 -5.35 -19.50
C THR A 241 -27.94 -5.61 -20.28
N GLY A 242 -27.06 -4.62 -20.38
CA GLY A 242 -25.83 -4.80 -21.13
C GLY A 242 -24.91 -5.83 -20.49
N LEU A 243 -24.77 -5.78 -19.17
CA LEU A 243 -23.94 -6.75 -18.48
C LEU A 243 -24.60 -8.13 -18.44
N ALA A 244 -25.92 -8.17 -18.29
CA ALA A 244 -26.64 -9.44 -18.32
C ALA A 244 -26.55 -10.09 -19.69
N LEU A 245 -26.57 -9.28 -20.75
CA LEU A 245 -26.44 -9.80 -22.11
C LEU A 245 -25.10 -10.47 -22.35
N VAL A 246 -24.05 -10.07 -21.64
CA VAL A 246 -22.74 -10.70 -21.80
C VAL A 246 -22.79 -12.15 -21.36
N ALA A 247 -23.44 -12.42 -20.23
CA ALA A 247 -23.45 -13.77 -19.68
C ALA A 247 -24.31 -14.71 -20.52
N THR A 248 -25.52 -14.26 -20.89
CA THR A 248 -26.46 -15.16 -21.57
C THR A 248 -26.10 -15.37 -23.03
N THR A 249 -25.65 -14.32 -23.72
CA THR A 249 -25.42 -14.45 -25.16
C THR A 249 -24.23 -15.35 -25.46
N PHE A 250 -23.11 -15.12 -24.79
CA PHE A 250 -21.88 -15.87 -25.04
C PHE A 250 -21.74 -16.98 -24.00
N ARG A 251 -21.50 -18.19 -24.48
CA ARG A 251 -21.30 -19.32 -23.58
C ARG A 251 -19.99 -19.15 -22.83
N LYS A 252 -19.98 -19.62 -21.58
CA LYS A 252 -18.81 -19.49 -20.74
C LYS A 252 -17.61 -20.17 -21.37
N GLY A 253 -16.49 -19.46 -21.41
CA GLY A 253 -15.30 -19.95 -22.06
C GLY A 253 -14.54 -18.85 -22.77
N PRO A 254 -13.84 -19.20 -23.85
CA PRO A 254 -13.11 -18.18 -24.60
C PRO A 254 -13.99 -17.09 -25.18
N ALA A 255 -15.23 -17.41 -25.56
CA ALA A 255 -16.10 -16.40 -26.16
C ALA A 255 -16.51 -15.34 -25.14
N ARG A 256 -16.78 -15.74 -23.90
CA ARG A 256 -17.16 -14.77 -22.88
C ARG A 256 -15.99 -13.89 -22.47
N ASN A 257 -14.78 -14.45 -22.43
CA ASN A 257 -13.61 -13.66 -22.04
C ASN A 257 -13.32 -12.56 -23.05
N ALA A 258 -13.41 -12.86 -24.34
CA ALA A 258 -13.21 -11.84 -25.36
C ALA A 258 -14.31 -10.80 -25.32
N ALA A 259 -15.55 -11.22 -25.07
CA ALA A 259 -16.65 -10.26 -24.98
C ALA A 259 -16.53 -9.38 -23.74
N THR A 260 -15.98 -9.93 -22.65
CA THR A 260 -15.77 -9.12 -21.45
C THR A 260 -14.75 -8.02 -21.68
N ALA A 261 -13.66 -8.33 -22.41
CA ALA A 261 -12.64 -7.32 -22.66
C ALA A 261 -13.19 -6.16 -23.46
N VAL A 262 -13.97 -6.45 -24.51
CA VAL A 262 -14.54 -5.37 -25.33
C VAL A 262 -15.57 -4.58 -24.56
N PHE A 263 -16.32 -5.25 -23.67
CA PHE A 263 -17.29 -4.54 -22.84
C PHE A 263 -16.61 -3.51 -21.95
N ALA A 264 -15.49 -3.89 -21.33
CA ALA A 264 -14.76 -2.93 -20.50
C ALA A 264 -13.94 -1.97 -21.34
N ALA A 265 -13.53 -2.37 -22.55
CA ALA A 265 -12.71 -1.50 -23.38
C ALA A 265 -13.47 -0.26 -23.81
N MET A 266 -14.74 -0.41 -24.19
CA MET A 266 -15.51 0.72 -24.69
C MET A 266 -16.05 1.60 -23.57
N THR A 267 -15.90 1.20 -22.31
CA THR A 267 -16.18 2.12 -21.21
C THR A 267 -15.10 3.20 -21.13
N ALA A 268 -13.84 2.81 -21.30
CA ALA A 268 -12.75 3.78 -21.27
C ALA A 268 -12.66 4.59 -22.56
N ILE A 269 -13.09 4.01 -23.68
CA ILE A 269 -13.08 4.74 -24.94
C ILE A 269 -14.03 5.93 -24.88
N GLY A 270 -15.22 5.73 -24.31
CA GLY A 270 -16.20 6.80 -24.23
C GLY A 270 -15.74 7.97 -23.38
N SER A 271 -14.97 7.70 -22.32
CA SER A 271 -14.50 8.78 -21.47
C SER A 271 -13.52 9.68 -22.22
N VAL A 272 -12.55 9.09 -22.92
CA VAL A 272 -11.57 9.89 -23.64
C VAL A 272 -12.22 10.58 -24.83
N MET A 273 -13.08 9.87 -25.57
CA MET A 273 -13.76 10.47 -26.70
C MET A 273 -14.72 11.58 -26.25
N GLY A 274 -15.20 11.51 -25.02
CA GLY A 274 -16.03 12.59 -24.51
C GLY A 274 -15.25 13.89 -24.34
N LEU A 275 -13.99 13.78 -23.91
CA LEU A 275 -13.16 14.97 -23.76
C LEU A 275 -12.85 15.60 -25.10
N VAL A 276 -12.52 14.80 -26.11
CA VAL A 276 -12.17 15.35 -27.42
C VAL A 276 -13.38 15.97 -28.08
N VAL A 277 -14.51 15.26 -28.09
CA VAL A 277 -15.71 15.77 -28.72
C VAL A 277 -16.22 17.01 -27.99
N GLY A 278 -16.28 16.94 -26.66
CA GLY A 278 -16.72 18.08 -25.88
C GLY A 278 -15.70 19.19 -25.76
N GLY A 279 -14.46 18.94 -26.13
CA GLY A 279 -13.42 19.95 -26.06
C GLY A 279 -13.15 20.59 -27.39
N ALA A 280 -13.59 19.96 -28.48
CA ALA A 280 -13.41 20.49 -29.82
C ALA A 280 -14.67 21.16 -30.35
N LEU A 281 -15.79 20.45 -30.35
CA LEU A 281 -17.05 21.00 -30.85
C LEU A 281 -17.86 21.66 -29.73
N THR A 282 -17.20 22.57 -29.02
CA THR A 282 -17.86 23.37 -27.99
C THR A 282 -17.57 24.86 -28.09
N GLU A 283 -16.58 25.26 -28.89
CA GLU A 283 -16.37 26.68 -29.13
C GLU A 283 -17.40 27.27 -30.08
N VAL A 284 -18.16 26.43 -30.79
CA VAL A 284 -19.21 26.93 -31.67
C VAL A 284 -20.56 26.94 -30.95
N SER A 285 -20.86 25.91 -30.16
CA SER A 285 -22.08 25.84 -29.36
C SER A 285 -22.05 24.61 -28.45
N TRP A 286 -22.72 24.71 -27.30
CA TRP A 286 -22.90 23.54 -26.46
C TRP A 286 -24.05 22.66 -26.93
N ARG A 287 -24.88 23.15 -27.85
CA ARG A 287 -25.99 22.37 -28.37
C ARG A 287 -25.52 21.31 -29.36
N TRP A 288 -24.47 21.60 -30.14
CA TRP A 288 -23.95 20.63 -31.09
C TRP A 288 -23.32 19.43 -30.39
N ALA A 289 -22.75 19.64 -29.19
CA ALA A 289 -22.11 18.53 -28.49
C ALA A 289 -23.12 17.48 -28.06
N PHE A 290 -24.32 17.91 -27.67
CA PHE A 290 -25.35 16.96 -27.28
C PHE A 290 -25.92 16.19 -28.46
N LEU A 291 -25.83 16.74 -29.67
CA LEU A 291 -26.37 16.09 -30.86
C LEU A 291 -25.39 15.09 -31.47
N VAL A 292 -24.20 14.93 -30.90
CA VAL A 292 -23.25 13.95 -31.41
C VAL A 292 -23.58 12.54 -30.96
N ASN A 293 -24.44 12.38 -29.95
CA ASN A 293 -24.82 11.06 -29.48
C ASN A 293 -25.78 10.36 -30.44
N VAL A 294 -26.56 11.11 -31.20
CA VAL A 294 -27.56 10.54 -32.12
C VAL A 294 -26.90 9.72 -33.22
N PRO A 295 -25.88 10.20 -33.93
CA PRO A 295 -25.26 9.34 -34.96
C PRO A 295 -24.70 8.05 -34.41
N ILE A 296 -24.09 8.08 -33.22
CA ILE A 296 -23.55 6.88 -32.61
C ILE A 296 -24.68 6.01 -32.05
N GLY A 297 -25.65 6.63 -31.40
CA GLY A 297 -26.72 5.86 -30.77
C GLY A 297 -27.57 5.11 -31.77
N LEU A 298 -27.87 5.72 -32.92
CA LEU A 298 -28.67 5.04 -33.93
C LEU A 298 -27.95 3.81 -34.47
N VAL A 299 -26.62 3.83 -34.49
CA VAL A 299 -25.87 2.67 -34.97
C VAL A 299 -26.02 1.51 -34.00
N MET A 300 -26.02 1.79 -32.69
CA MET A 300 -26.11 0.73 -31.70
C MET A 300 -27.45 0.02 -31.76
N ILE A 301 -28.54 0.75 -32.02
CA ILE A 301 -29.85 0.12 -32.20
C ILE A 301 -29.86 -0.75 -33.45
N TYR A 302 -29.16 -0.33 -34.50
CA TYR A 302 -29.14 -1.11 -35.73
C TYR A 302 -28.36 -2.41 -35.54
N LEU A 303 -27.17 -2.31 -34.94
CA LEU A 303 -26.33 -3.50 -34.78
C LEU A 303 -26.97 -4.51 -33.85
N ALA A 304 -27.60 -4.04 -32.77
CA ALA A 304 -28.26 -4.96 -31.84
C ALA A 304 -29.41 -5.68 -32.53
N ARG A 305 -30.18 -4.96 -33.35
CA ARG A 305 -31.33 -5.58 -34.01
C ARG A 305 -30.90 -6.67 -34.97
N THR A 306 -29.80 -6.44 -35.70
CA THR A 306 -29.38 -7.38 -36.74
C THR A 306 -28.60 -8.55 -36.17
N ALA A 307 -27.71 -8.30 -35.21
CA ALA A 307 -26.73 -9.28 -34.78
C ALA A 307 -27.07 -9.98 -33.46
N LEU A 308 -28.22 -9.70 -32.87
CA LEU A 308 -28.65 -10.36 -31.64
C LEU A 308 -29.92 -11.14 -31.89
N ARG A 309 -29.93 -12.40 -31.46
CA ARG A 309 -31.06 -13.29 -31.65
C ARG A 309 -31.92 -13.32 -30.39
N GLU A 310 -33.24 -13.26 -30.58
CA GLU A 310 -34.17 -13.24 -29.46
C GLU A 310 -34.33 -14.66 -28.92
N THR A 311 -33.90 -14.88 -27.67
CA THR A 311 -34.08 -16.16 -27.03
C THR A 311 -35.56 -16.42 -26.74
N ASN A 312 -35.89 -17.69 -26.56
CA ASN A 312 -37.28 -18.13 -26.42
C ASN A 312 -37.45 -18.85 -25.08
N LYS A 313 -37.78 -18.09 -24.04
CA LYS A 313 -38.16 -18.64 -22.75
C LYS A 313 -39.39 -17.90 -22.23
N GLU A 314 -40.13 -18.58 -21.36
CA GLU A 314 -41.37 -18.03 -20.85
C GLU A 314 -41.12 -16.84 -19.94
N ARG A 315 -41.97 -15.83 -20.05
CA ARG A 315 -41.85 -14.65 -19.20
C ARG A 315 -42.32 -14.97 -17.79
N MET A 316 -41.81 -14.21 -16.82
CA MET A 316 -42.15 -14.42 -15.42
C MET A 316 -42.87 -13.20 -14.86
N LYS A 317 -43.65 -13.44 -13.81
CA LYS A 317 -44.38 -12.37 -13.16
C LYS A 317 -43.41 -11.40 -12.48
N LEU A 318 -43.69 -10.10 -12.63
CA LEU A 318 -42.85 -9.07 -12.04
C LEU A 318 -43.34 -8.74 -10.64
N ASP A 319 -42.40 -8.53 -9.73
CA ASP A 319 -42.70 -8.23 -8.33
C ASP A 319 -43.18 -6.79 -8.24
N ALA A 320 -44.49 -6.59 -8.38
CA ALA A 320 -45.04 -5.25 -8.45
C ALA A 320 -44.85 -4.49 -7.15
N THR A 321 -45.14 -5.13 -6.01
CA THR A 321 -44.95 -4.47 -4.72
C THR A 321 -43.49 -4.17 -4.46
N GLY A 322 -42.61 -5.14 -4.74
CA GLY A 322 -41.19 -4.93 -4.50
C GLY A 322 -40.58 -3.86 -5.39
N ALA A 323 -41.02 -3.79 -6.65
CA ALA A 323 -40.49 -2.80 -7.56
C ALA A 323 -40.86 -1.38 -7.14
N ILE A 324 -42.09 -1.20 -6.62
CA ILE A 324 -42.51 0.12 -6.16
C ILE A 324 -41.68 0.57 -4.98
N LEU A 325 -41.43 -0.32 -4.02
CA LEU A 325 -40.66 0.05 -2.84
C LEU A 325 -39.18 0.20 -3.16
N ALA A 326 -38.67 -0.57 -4.12
CA ALA A 326 -37.26 -0.45 -4.50
C ALA A 326 -36.99 0.87 -5.22
N THR A 327 -37.93 1.31 -6.07
CA THR A 327 -37.76 2.57 -6.78
C THR A 327 -37.78 3.76 -5.83
N LEU A 328 -38.75 3.78 -4.91
CA LEU A 328 -38.94 4.95 -4.06
C LEU A 328 -37.77 5.14 -3.09
N ALA A 329 -37.16 4.05 -2.63
CA ALA A 329 -36.09 4.14 -1.64
C ALA A 329 -34.87 4.84 -2.19
N CYS A 330 -34.47 4.51 -3.42
CA CYS A 330 -33.21 5.04 -3.94
C CYS A 330 -33.32 6.51 -4.32
N THR A 331 -34.44 6.91 -4.93
CA THR A 331 -34.60 8.32 -5.29
C THR A 331 -34.66 9.20 -4.06
N ALA A 332 -35.34 8.75 -3.01
CA ALA A 332 -35.41 9.54 -1.78
C ALA A 332 -34.03 9.69 -1.15
N ALA A 333 -33.23 8.63 -1.15
CA ALA A 333 -31.88 8.72 -0.62
C ALA A 333 -31.02 9.64 -1.47
N VAL A 334 -31.15 9.56 -2.79
CA VAL A 334 -30.38 10.43 -3.67
C VAL A 334 -30.82 11.88 -3.50
N PHE A 335 -32.13 12.11 -3.40
CA PHE A 335 -32.63 13.47 -3.24
C PHE A 335 -32.14 14.09 -1.93
N ALA A 336 -32.16 13.31 -0.85
CA ALA A 336 -31.66 13.82 0.42
C ALA A 336 -30.16 14.07 0.37
N PHE A 337 -29.41 13.18 -0.28
CA PHE A 337 -27.97 13.35 -0.38
C PHE A 337 -27.58 14.50 -1.30
N SER A 338 -28.48 14.94 -2.17
CA SER A 338 -28.18 16.03 -3.08
C SER A 338 -28.61 17.38 -2.50
N ILE A 339 -29.79 17.46 -1.89
CA ILE A 339 -30.26 18.70 -1.29
C ILE A 339 -29.55 19.02 0.02
N GLY A 340 -28.83 18.05 0.59
CA GLY A 340 -28.13 18.24 1.84
C GLY A 340 -27.15 19.39 1.81
N PRO A 341 -26.11 19.28 0.97
CA PRO A 341 -25.15 20.40 0.86
C PRO A 341 -25.79 21.70 0.41
N GLU A 342 -26.89 21.65 -0.33
CA GLU A 342 -27.55 22.86 -0.81
C GLU A 342 -28.37 23.53 0.30
N LYS A 343 -29.36 22.82 0.83
CA LYS A 343 -30.30 23.39 1.78
C LYS A 343 -29.87 23.22 3.23
N GLY A 344 -28.83 22.45 3.50
CA GLY A 344 -28.43 22.19 4.88
C GLY A 344 -28.80 20.78 5.27
N TRP A 345 -27.89 20.13 6.01
CA TRP A 345 -28.09 18.72 6.35
C TRP A 345 -29.29 18.53 7.27
N MET A 346 -29.46 19.41 8.25
CA MET A 346 -30.62 19.38 9.15
C MET A 346 -31.65 20.44 8.76
N SER A 347 -31.85 20.67 7.47
CA SER A 347 -32.73 21.76 7.03
C SER A 347 -34.16 21.54 7.48
N GLY A 348 -34.65 20.31 7.39
CA GLY A 348 -36.02 20.02 7.74
C GLY A 348 -36.71 19.18 6.68
N ILE A 349 -36.31 19.37 5.42
CA ILE A 349 -36.81 18.55 4.33
C ILE A 349 -35.85 17.42 3.99
N THR A 350 -34.56 17.57 4.28
CA THR A 350 -33.62 16.48 4.03
C THR A 350 -33.86 15.32 4.99
N ILE A 351 -34.18 15.61 6.25
CA ILE A 351 -34.55 14.56 7.18
C ILE A 351 -35.87 13.94 6.78
N GLY A 352 -36.81 14.74 6.27
CA GLY A 352 -38.05 14.18 5.77
C GLY A 352 -37.84 13.29 4.57
N SER A 353 -36.94 13.68 3.66
CA SER A 353 -36.59 12.83 2.54
C SER A 353 -35.89 11.57 3.01
N GLY A 354 -35.05 11.68 4.05
CA GLY A 354 -34.43 10.50 4.64
C GLY A 354 -35.41 9.63 5.39
N LEU A 355 -36.54 10.20 5.84
CA LEU A 355 -37.53 9.41 6.56
C LEU A 355 -38.23 8.42 5.64
N VAL A 356 -38.67 8.88 4.46
CA VAL A 356 -39.33 7.98 3.53
C VAL A 356 -38.35 6.97 2.97
N ALA A 357 -37.08 7.36 2.84
CA ALA A 357 -36.07 6.40 2.39
C ALA A 357 -35.92 5.25 3.37
N LEU A 358 -35.91 5.56 4.68
CA LEU A 358 -35.82 4.50 5.68
C LEU A 358 -37.13 3.72 5.77
N ALA A 359 -38.28 4.41 5.65
CA ALA A 359 -39.56 3.72 5.70
C ALA A 359 -39.72 2.77 4.53
N ALA A 360 -39.32 3.18 3.33
CA ALA A 360 -39.40 2.30 2.18
C ALA A 360 -38.41 1.14 2.30
N ALA A 361 -37.19 1.42 2.75
CA ALA A 361 -36.18 0.37 2.86
C ALA A 361 -36.57 -0.68 3.88
N VAL A 362 -37.15 -0.25 5.01
CA VAL A 362 -37.55 -1.20 6.05
C VAL A 362 -38.66 -2.10 5.54
N ALA A 363 -39.68 -1.52 4.90
CA ALA A 363 -40.78 -2.32 4.40
C ALA A 363 -40.35 -3.18 3.22
N PHE A 364 -39.37 -2.75 2.45
CA PHE A 364 -38.91 -3.53 1.31
C PHE A 364 -38.33 -4.87 1.74
N VAL A 365 -37.53 -4.87 2.81
CA VAL A 365 -36.96 -6.13 3.30
C VAL A 365 -38.05 -7.01 3.88
N ILE A 366 -39.02 -6.41 4.58
CA ILE A 366 -40.09 -7.16 5.21
C ILE A 366 -40.93 -7.89 4.15
N VAL A 367 -41.30 -7.18 3.08
CA VAL A 367 -42.12 -7.79 2.04
C VAL A 367 -41.32 -8.67 1.10
N GLU A 368 -40.00 -8.56 1.11
CA GLU A 368 -39.18 -9.36 0.20
C GLU A 368 -39.04 -10.80 0.66
N ARG A 369 -39.42 -11.09 1.91
CA ARG A 369 -39.27 -12.44 2.43
C ARG A 369 -40.22 -13.42 1.74
N THR A 370 -41.45 -12.98 1.45
CA THR A 370 -42.48 -13.84 0.87
C THR A 370 -42.87 -13.40 -0.54
N ALA A 371 -41.97 -12.74 -1.25
CA ALA A 371 -42.25 -12.21 -2.59
C ALA A 371 -41.66 -13.13 -3.64
N GLU A 372 -42.50 -13.60 -4.55
CA GLU A 372 -42.04 -14.47 -5.63
C GLU A 372 -41.22 -13.68 -6.63
N ASN A 373 -40.17 -14.33 -7.16
CA ASN A 373 -39.21 -13.70 -8.07
C ASN A 373 -38.69 -12.41 -7.44
N PRO A 374 -37.87 -12.51 -6.40
CA PRO A 374 -37.50 -11.31 -5.65
C PRO A 374 -36.69 -10.32 -6.48
N VAL A 375 -36.87 -9.04 -6.17
CA VAL A 375 -36.07 -8.01 -6.81
C VAL A 375 -34.61 -8.13 -6.40
N VAL A 376 -34.36 -8.31 -5.11
CA VAL A 376 -33.01 -8.54 -4.60
C VAL A 376 -33.00 -9.89 -3.88
N PRO A 377 -32.36 -10.91 -4.45
CA PRO A 377 -32.30 -12.21 -3.78
C PRO A 377 -31.30 -12.24 -2.63
N PHE A 378 -31.73 -11.79 -1.44
CA PHE A 378 -30.84 -11.78 -0.29
C PHE A 378 -30.31 -13.18 0.04
N HIS A 379 -31.12 -14.21 -0.19
CA HIS A 379 -30.68 -15.58 0.09
C HIS A 379 -29.49 -15.99 -0.75
N LEU A 380 -29.30 -15.38 -1.92
CA LEU A 380 -28.16 -15.73 -2.77
C LEU A 380 -26.86 -15.21 -2.17
N PHE A 381 -26.92 -14.08 -1.45
CA PHE A 381 -25.73 -13.48 -0.83
C PHE A 381 -25.55 -14.07 0.56
N ARG A 382 -24.75 -15.13 0.65
CA ARG A 382 -24.38 -15.79 1.89
C ARG A 382 -22.89 -15.56 2.15
N ASP A 383 -22.37 -16.23 3.19
CA ASP A 383 -20.96 -16.11 3.55
C ASP A 383 -20.02 -16.63 2.46
N ARG A 384 -20.55 -17.00 1.31
CA ARG A 384 -19.76 -17.53 0.21
C ARG A 384 -18.91 -16.42 -0.41
N ASN A 385 -18.23 -16.77 -1.50
CA ASN A 385 -17.32 -15.87 -2.20
C ASN A 385 -18.03 -14.76 -2.96
N ARG A 386 -19.35 -14.60 -2.86
CA ARG A 386 -20.03 -13.55 -3.61
C ARG A 386 -20.00 -12.21 -2.87
N LEU A 387 -20.18 -12.22 -1.55
CA LEU A 387 -20.10 -10.99 -0.80
C LEU A 387 -18.70 -10.37 -0.86
N VAL A 388 -17.67 -11.22 -0.92
CA VAL A 388 -16.31 -10.71 -1.03
C VAL A 388 -16.07 -10.08 -2.40
N THR A 389 -16.56 -10.72 -3.45
CA THR A 389 -16.38 -10.19 -4.80
C THR A 389 -17.31 -9.03 -5.12
N PHE A 390 -18.32 -8.78 -4.28
CA PHE A 390 -19.16 -7.60 -4.46
C PHE A 390 -18.70 -6.43 -3.61
N SER A 391 -18.04 -6.70 -2.49
CA SER A 391 -17.42 -5.64 -1.72
C SER A 391 -16.13 -5.14 -2.37
N ALA A 392 -15.48 -5.97 -3.17
CA ALA A 392 -14.26 -5.54 -3.85
C ALA A 392 -14.57 -4.54 -4.96
N ILE A 393 -15.59 -4.83 -5.78
CA ILE A 393 -15.98 -3.92 -6.84
C ILE A 393 -16.67 -2.67 -6.30
N LEU A 394 -17.19 -2.73 -5.07
CA LEU A 394 -17.74 -1.54 -4.45
C LEU A 394 -16.65 -0.50 -4.21
N LEU A 395 -15.47 -0.93 -3.77
CA LEU A 395 -14.37 -0.03 -3.49
C LEU A 395 -13.41 0.12 -4.66
N ALA A 396 -13.31 -0.88 -5.54
CA ALA A 396 -12.47 -0.73 -6.72
C ALA A 396 -13.05 0.33 -7.65
N GLY A 397 -14.37 0.40 -7.77
CA GLY A 397 -14.99 1.45 -8.57
C GLY A 397 -14.75 2.83 -7.99
N GLY A 398 -14.74 2.94 -6.66
CA GLY A 398 -14.46 4.22 -6.03
C GLY A 398 -13.03 4.68 -6.26
N VAL A 399 -12.09 3.74 -6.26
CA VAL A 399 -10.70 4.10 -6.54
C VAL A 399 -10.54 4.57 -7.97
N MET A 400 -11.16 3.87 -8.92
CA MET A 400 -11.04 4.24 -10.32
C MET A 400 -11.77 5.55 -10.61
N PHE A 401 -12.91 5.78 -9.95
CA PHE A 401 -13.63 7.04 -10.16
C PHE A 401 -12.86 8.22 -9.59
N SER A 402 -12.32 8.06 -8.38
CA SER A 402 -11.57 9.15 -7.77
C SER A 402 -10.26 9.43 -8.50
N LEU A 403 -9.71 8.42 -9.16
CA LEU A 403 -8.48 8.62 -9.93
C LEU A 403 -8.74 9.48 -11.16
N THR A 404 -9.91 9.34 -11.79
CA THR A 404 -10.22 10.11 -12.98
C THR A 404 -10.55 11.56 -12.64
N VAL A 405 -11.30 11.79 -11.56
CA VAL A 405 -11.66 13.15 -11.19
C VAL A 405 -10.43 13.95 -10.79
N CYS A 406 -9.57 13.35 -9.97
CA CYS A 406 -8.39 14.06 -9.48
C CYS A 406 -7.40 14.33 -10.61
N ILE A 407 -7.22 13.38 -11.52
CA ILE A 407 -6.26 13.56 -12.61
C ILE A 407 -6.77 14.60 -13.60
N GLY A 408 -8.06 14.54 -13.93
CA GLY A 408 -8.61 15.50 -14.86
C GLY A 408 -8.59 16.93 -14.33
N LEU A 409 -8.91 17.09 -13.04
CA LEU A 409 -8.84 18.42 -12.43
C LEU A 409 -7.40 18.92 -12.36
N TYR A 410 -6.46 18.02 -12.04
CA TYR A 410 -5.06 18.44 -11.92
C TYR A 410 -4.50 18.88 -13.27
N VAL A 411 -4.84 18.15 -14.33
CA VAL A 411 -4.30 18.48 -15.65
C VAL A 411 -4.88 19.79 -16.17
N GLN A 412 -6.18 19.99 -15.98
CA GLN A 412 -6.83 21.19 -16.52
C GLN A 412 -6.48 22.44 -15.73
N ASP A 413 -6.34 22.33 -14.41
CA ASP A 413 -6.07 23.50 -13.58
C ASP A 413 -4.58 23.78 -13.44
N ILE A 414 -3.83 22.82 -12.93
CA ILE A 414 -2.42 23.05 -12.65
C ILE A 414 -1.62 23.21 -13.95
N LEU A 415 -1.83 22.28 -14.90
CA LEU A 415 -1.07 22.31 -16.14
C LEU A 415 -1.72 23.18 -17.21
N GLY A 416 -3.03 23.43 -17.13
CA GLY A 416 -3.70 24.27 -18.09
C GLY A 416 -3.77 23.74 -19.50
N TYR A 417 -4.11 22.45 -19.66
CA TYR A 417 -4.17 21.84 -20.98
C TYR A 417 -5.51 22.03 -21.69
N SER A 418 -6.54 22.50 -20.98
CA SER A 418 -7.90 22.60 -21.52
C SER A 418 -8.45 21.23 -21.88
N ALA A 419 -9.69 21.18 -22.37
CA ALA A 419 -10.36 19.91 -22.60
C ALA A 419 -9.87 19.20 -23.85
N LEU A 420 -9.61 19.94 -24.93
CA LEU A 420 -9.25 19.30 -26.19
C LEU A 420 -7.88 18.65 -26.11
N ARG A 421 -6.90 19.36 -25.55
CA ARG A 421 -5.55 18.80 -25.45
C ARG A 421 -5.48 17.67 -24.44
N ALA A 422 -6.27 17.75 -23.37
CA ALA A 422 -6.29 16.66 -22.39
C ALA A 422 -6.82 15.38 -23.01
N GLY A 423 -7.85 15.49 -23.86
CA GLY A 423 -8.39 14.30 -24.51
C GLY A 423 -7.41 13.66 -25.47
N VAL A 424 -6.67 14.47 -26.22
CA VAL A 424 -5.66 13.92 -27.13
C VAL A 424 -4.50 13.32 -26.34
N GLY A 425 -4.14 13.93 -25.22
CA GLY A 425 -3.03 13.43 -24.42
C GLY A 425 -3.32 12.13 -23.71
N PHE A 426 -4.59 11.79 -23.50
CA PHE A 426 -4.98 10.54 -22.86
C PHE A 426 -5.24 9.42 -23.85
N ILE A 427 -5.00 9.65 -25.14
CA ILE A 427 -5.15 8.56 -26.12
C ILE A 427 -4.22 7.40 -25.81
N PRO A 428 -2.95 7.60 -25.43
CA PRO A 428 -2.13 6.44 -25.03
C PRO A 428 -2.68 5.65 -23.87
N PHE A 429 -3.54 6.24 -23.04
CA PHE A 429 -4.18 5.48 -21.97
C PHE A 429 -5.07 4.38 -22.54
N VAL A 430 -5.84 4.69 -23.58
CA VAL A 430 -6.73 3.70 -24.18
C VAL A 430 -5.92 2.60 -24.86
N ILE A 431 -4.88 2.98 -25.58
CA ILE A 431 -4.04 1.97 -26.25
C ILE A 431 -3.39 1.05 -25.23
N ALA A 432 -2.87 1.63 -24.14
CA ALA A 432 -2.28 0.81 -23.09
C ALA A 432 -3.33 -0.06 -22.40
N MET A 433 -4.52 0.50 -22.17
CA MET A 433 -5.60 -0.29 -21.56
C MET A 433 -6.02 -1.43 -22.47
N GLY A 434 -6.08 -1.19 -23.77
CA GLY A 434 -6.46 -2.25 -24.69
C GLY A 434 -5.49 -3.42 -24.69
N ILE A 435 -4.20 -3.12 -24.53
CA ILE A 435 -3.20 -4.18 -24.40
C ILE A 435 -3.41 -4.97 -23.12
N GLY A 436 -3.69 -4.26 -22.01
CA GLY A 436 -3.92 -4.95 -20.75
C GLY A 436 -5.15 -5.83 -20.76
N LEU A 437 -6.22 -5.36 -21.40
CA LEU A 437 -7.45 -6.16 -21.49
C LEU A 437 -7.25 -7.37 -22.39
N GLY A 438 -6.56 -7.19 -23.52
CA GLY A 438 -6.37 -8.29 -24.44
C GLY A 438 -5.51 -9.40 -23.85
N VAL A 439 -4.47 -9.03 -23.11
CA VAL A 439 -3.60 -10.02 -22.48
C VAL A 439 -4.36 -10.74 -21.36
N SER A 440 -5.14 -10.00 -20.56
CA SER A 440 -5.81 -10.61 -19.42
C SER A 440 -6.86 -11.62 -19.85
N SER A 441 -7.44 -11.46 -21.05
CA SER A 441 -8.42 -12.43 -21.52
C SER A 441 -7.78 -13.77 -21.82
N GLN A 442 -6.52 -13.77 -22.28
CA GLN A 442 -5.81 -15.02 -22.54
C GLN A 442 -5.33 -15.67 -21.25
N LEU A 443 -4.88 -14.86 -20.28
CA LEU A 443 -4.30 -15.38 -19.06
C LEU A 443 -5.34 -15.84 -18.05
N VAL A 444 -6.59 -15.38 -18.17
CA VAL A 444 -7.60 -15.70 -17.17
C VAL A 444 -7.99 -17.17 -17.20
N SER A 445 -7.77 -17.85 -18.32
CA SER A 445 -8.04 -19.28 -18.41
C SER A 445 -6.97 -20.12 -17.72
N ARG A 446 -5.80 -19.55 -17.45
CA ARG A 446 -4.72 -20.27 -16.80
C ARG A 446 -4.43 -19.82 -15.39
N PHE A 447 -4.83 -18.60 -15.02
CA PHE A 447 -4.59 -18.07 -13.68
C PHE A 447 -5.92 -17.67 -13.04
N SER A 448 -5.98 -17.82 -11.72
CA SER A 448 -7.19 -17.48 -10.97
C SER A 448 -7.39 -15.96 -10.96
N PRO A 449 -8.62 -15.50 -10.71
CA PRO A 449 -8.85 -14.06 -10.59
C PRO A 449 -8.11 -13.42 -9.42
N ARG A 450 -7.66 -14.20 -8.44
CA ARG A 450 -6.92 -13.64 -7.32
C ARG A 450 -5.58 -13.08 -7.75
N VAL A 451 -4.80 -13.88 -8.48
CA VAL A 451 -3.44 -13.47 -8.83
C VAL A 451 -3.46 -12.34 -9.84
N LEU A 452 -4.36 -12.40 -10.83
CA LEU A 452 -4.42 -11.35 -11.84
C LEU A 452 -4.86 -10.02 -11.24
N THR A 453 -5.76 -10.03 -10.25
CA THR A 453 -6.16 -8.80 -9.60
C THR A 453 -5.01 -8.21 -8.79
N ILE A 454 -4.33 -9.03 -8.00
CA ILE A 454 -3.20 -8.53 -7.22
C ILE A 454 -2.01 -8.23 -8.12
N GLY A 455 -1.76 -9.09 -9.10
CA GLY A 455 -0.65 -8.84 -10.01
C GLY A 455 -0.87 -7.62 -10.88
N GLY A 456 -2.08 -7.45 -11.41
CA GLY A 456 -2.37 -6.27 -12.19
C GLY A 456 -2.37 -4.99 -11.38
N GLY A 457 -2.77 -5.07 -10.11
CA GLY A 457 -2.84 -3.89 -9.27
C GLY A 457 -1.48 -3.36 -8.85
N TYR A 458 -0.44 -4.20 -8.87
CA TYR A 458 0.89 -3.73 -8.51
C TYR A 458 1.47 -2.81 -9.59
N LEU A 459 1.04 -2.99 -10.84
CA LEU A 459 1.44 -2.05 -11.89
C LEU A 459 0.82 -0.68 -11.65
N LEU A 460 -0.38 -0.63 -11.10
CA LEU A 460 -1.00 0.65 -10.74
C LEU A 460 -0.23 1.32 -9.61
N PHE A 461 0.26 0.55 -8.64
CA PHE A 461 1.04 1.11 -7.55
C PHE A 461 2.32 1.75 -8.05
N GLY A 462 3.01 1.09 -8.97
CA GLY A 462 4.25 1.65 -9.50
C GLY A 462 4.03 2.92 -10.30
N ALA A 463 2.91 2.99 -11.03
CA ALA A 463 2.64 4.17 -11.84
C ALA A 463 2.34 5.39 -10.98
N MET A 464 1.54 5.22 -9.92
CA MET A 464 1.18 6.35 -9.07
C MET A 464 2.28 6.74 -8.11
N LEU A 465 3.24 5.86 -7.83
CA LEU A 465 4.44 6.28 -7.12
C LEU A 465 5.34 7.12 -8.03
N TYR A 466 5.51 6.68 -9.27
CA TYR A 466 6.29 7.45 -10.23
C TYR A 466 5.63 8.79 -10.54
N GLY A 467 4.31 8.79 -10.70
CA GLY A 467 3.59 10.01 -11.02
C GLY A 467 3.53 11.01 -9.88
N SER A 468 3.82 10.59 -8.66
CA SER A 468 3.88 11.52 -7.54
C SER A 468 5.22 12.22 -7.46
N PHE A 469 6.31 11.52 -7.75
CA PHE A 469 7.63 12.12 -7.66
C PHE A 469 7.92 13.07 -8.81
N PHE A 470 7.58 12.68 -10.04
CA PHE A 470 8.08 13.34 -11.24
C PHE A 470 7.02 14.19 -11.94
N MET A 471 6.04 14.72 -11.21
CA MET A 471 4.97 15.47 -11.84
C MET A 471 4.69 16.74 -11.05
N HIS A 472 5.17 17.87 -11.57
CA HIS A 472 4.77 19.18 -11.07
C HIS A 472 4.34 20.04 -12.26
N ARG A 473 4.11 21.33 -12.03
CA ARG A 473 3.70 22.21 -13.11
C ARG A 473 4.90 22.62 -13.94
N GLY A 474 4.79 22.49 -15.26
CA GLY A 474 5.85 22.88 -16.17
C GLY A 474 6.70 21.74 -16.69
N VAL A 475 6.42 20.51 -16.30
CA VAL A 475 7.21 19.36 -16.71
C VAL A 475 6.91 19.02 -18.17
N PRO A 476 7.83 18.39 -18.89
CA PRO A 476 7.53 17.96 -20.26
C PRO A 476 6.48 16.86 -20.28
N TYR A 477 5.79 16.76 -21.41
CA TYR A 477 4.72 15.77 -21.55
C TYR A 477 5.26 14.36 -21.72
N PHE A 478 6.38 14.19 -22.44
CA PHE A 478 6.82 12.84 -22.79
C PHE A 478 7.32 12.06 -21.57
N PRO A 479 8.41 12.44 -20.90
CA PRO A 479 8.99 11.52 -19.91
C PRO A 479 8.20 11.43 -18.62
N ASN A 480 7.53 12.52 -18.23
CA ASN A 480 6.95 12.62 -16.90
C ASN A 480 5.48 12.25 -16.84
N LEU A 481 4.73 12.39 -17.93
CA LEU A 481 3.31 12.13 -17.91
C LEU A 481 2.90 10.89 -18.69
N VAL A 482 3.57 10.58 -19.79
CA VAL A 482 3.14 9.46 -20.63
C VAL A 482 3.43 8.14 -19.94
N MET A 483 4.62 8.00 -19.33
CA MET A 483 5.00 6.74 -18.70
C MET A 483 4.04 6.31 -17.60
N PRO A 484 3.67 7.14 -16.62
CA PRO A 484 2.72 6.66 -15.60
C PRO A 484 1.36 6.33 -16.17
N ILE A 485 0.92 7.04 -17.21
CA ILE A 485 -0.39 6.79 -17.79
C ILE A 485 -0.40 5.45 -18.53
N VAL A 486 0.63 5.17 -19.30
CA VAL A 486 0.69 3.92 -20.06
C VAL A 486 0.79 2.72 -19.11
N VAL A 487 1.69 2.80 -18.14
CA VAL A 487 1.85 1.69 -17.20
C VAL A 487 0.60 1.52 -16.35
N GLY A 488 0.02 2.62 -15.89
CA GLY A 488 -1.21 2.54 -15.12
C GLY A 488 -2.38 2.00 -15.91
N GLY A 489 -2.43 2.29 -17.21
CA GLY A 489 -3.51 1.76 -18.04
C GLY A 489 -3.43 0.25 -18.21
N ILE A 490 -2.22 -0.28 -18.36
CA ILE A 490 -2.05 -1.73 -18.46
C ILE A 490 -2.44 -2.39 -17.15
N GLY A 491 -2.06 -1.80 -16.03
CA GLY A 491 -2.39 -2.40 -14.74
C GLY A 491 -3.88 -2.43 -14.46
N ILE A 492 -4.60 -1.37 -14.85
CA ILE A 492 -6.04 -1.35 -14.65
C ILE A 492 -6.72 -2.38 -15.55
N GLY A 493 -6.33 -2.41 -16.82
CA GLY A 493 -6.97 -3.33 -17.76
C GLY A 493 -6.78 -4.79 -17.40
N MET A 494 -5.66 -5.12 -16.75
CA MET A 494 -5.41 -6.51 -16.37
C MET A 494 -6.31 -6.96 -15.24
N ALA A 495 -6.75 -6.03 -14.39
CA ALA A 495 -7.55 -6.39 -13.22
C ALA A 495 -9.05 -6.26 -13.44
N VAL A 496 -9.48 -5.56 -14.50
CA VAL A 496 -10.91 -5.41 -14.74
C VAL A 496 -11.54 -6.73 -15.18
N VAL A 497 -10.87 -7.45 -16.08
CA VAL A 497 -11.47 -8.66 -16.64
C VAL A 497 -11.75 -9.72 -15.59
N PRO A 498 -10.81 -10.07 -14.70
CA PRO A 498 -11.13 -11.08 -13.68
C PRO A 498 -12.26 -10.67 -12.75
N LEU A 499 -12.42 -9.37 -12.47
CA LEU A 499 -13.43 -8.96 -11.50
C LEU A 499 -14.84 -9.14 -12.03
N THR A 500 -15.08 -8.80 -13.30
CA THR A 500 -16.43 -8.92 -13.85
C THR A 500 -16.79 -10.37 -14.16
N LEU A 501 -15.82 -11.19 -14.56
CA LEU A 501 -16.10 -12.60 -14.79
C LEU A 501 -16.50 -13.29 -13.49
N SER A 502 -15.90 -12.89 -12.37
CA SER A 502 -16.27 -13.45 -11.08
C SER A 502 -17.61 -12.94 -10.58
N ALA A 503 -18.06 -11.77 -11.05
CA ALA A 503 -19.30 -11.18 -10.58
C ALA A 503 -20.53 -11.76 -11.27
N ILE A 504 -20.36 -12.50 -12.35
CA ILE A 504 -21.48 -13.11 -13.07
C ILE A 504 -21.30 -14.62 -13.21
N ALA A 505 -20.52 -15.22 -12.33
CA ALA A 505 -20.17 -16.64 -12.42
C ALA A 505 -21.09 -17.46 -11.53
N GLY A 506 -21.64 -18.53 -12.08
CA GLY A 506 -22.41 -19.50 -11.31
C GLY A 506 -23.65 -18.98 -10.64
N VAL A 507 -24.46 -18.21 -11.37
CA VAL A 507 -25.71 -17.67 -10.85
C VAL A 507 -26.92 -18.25 -11.57
N GLY A 508 -26.82 -18.50 -12.86
CA GLY A 508 -27.92 -19.05 -13.63
C GLY A 508 -28.51 -18.02 -14.58
N PHE A 509 -29.73 -18.31 -15.03
CA PHE A 509 -30.44 -17.44 -15.95
C PHE A 509 -31.63 -16.74 -15.34
N ASP A 510 -32.25 -17.33 -14.33
CA ASP A 510 -33.39 -16.72 -13.65
C ASP A 510 -32.97 -15.73 -12.58
N GLN A 511 -31.66 -15.58 -12.33
CA GLN A 511 -31.17 -14.65 -11.34
C GLN A 511 -30.00 -13.81 -11.85
N ILE A 512 -29.66 -13.93 -13.14
CA ILE A 512 -28.63 -13.08 -13.71
C ILE A 512 -29.10 -11.63 -13.84
N GLY A 513 -30.40 -11.40 -13.91
CA GLY A 513 -30.94 -10.07 -14.01
C GLY A 513 -30.61 -9.21 -12.80
N PRO A 514 -31.15 -9.57 -11.64
CA PRO A 514 -30.86 -8.78 -10.43
C PRO A 514 -29.39 -8.71 -10.07
N VAL A 515 -28.63 -9.79 -10.27
CA VAL A 515 -27.23 -9.79 -9.87
C VAL A 515 -26.43 -8.80 -10.70
N SER A 516 -26.69 -8.75 -12.01
CA SER A 516 -25.99 -7.77 -12.85
C SER A 516 -26.39 -6.35 -12.51
N ALA A 517 -27.64 -6.13 -12.07
CA ALA A 517 -28.06 -4.80 -11.66
C ALA A 517 -27.35 -4.34 -10.40
N ILE A 518 -27.12 -5.27 -9.46
CA ILE A 518 -26.41 -4.92 -8.23
C ILE A 518 -24.94 -4.61 -8.54
N ALA A 519 -24.34 -5.34 -9.47
CA ALA A 519 -22.94 -5.10 -9.81
C ALA A 519 -22.72 -3.70 -10.35
N LEU A 520 -23.64 -3.22 -11.19
CA LEU A 520 -23.54 -1.86 -11.71
C LEU A 520 -23.96 -0.82 -10.68
N MET A 521 -24.83 -1.19 -9.74
CA MET A 521 -25.26 -0.24 -8.71
C MET A 521 -24.14 0.01 -7.71
N LEU A 522 -23.46 -1.05 -7.27
CA LEU A 522 -22.39 -0.86 -6.29
C LEU A 522 -21.15 -0.24 -6.93
N GLN A 523 -20.89 -0.52 -8.20
CA GLN A 523 -19.74 0.08 -8.86
C GLN A 523 -19.90 1.60 -8.96
N SER A 524 -21.11 2.07 -9.26
CA SER A 524 -21.36 3.51 -9.34
C SER A 524 -21.50 4.15 -7.96
N LEU A 525 -21.99 3.39 -6.97
CA LEU A 525 -22.21 3.96 -5.65
C LEU A 525 -20.90 4.18 -4.90
N GLY A 526 -19.88 3.36 -5.17
CA GLY A 526 -18.62 3.49 -4.46
C GLY A 526 -17.80 4.69 -4.88
N GLY A 527 -18.11 5.29 -6.02
CA GLY A 527 -17.37 6.42 -6.52
C GLY A 527 -17.42 7.64 -5.62
N PRO A 528 -18.62 8.17 -5.40
CA PRO A 528 -18.72 9.36 -4.52
C PRO A 528 -18.23 9.13 -3.11
N LEU A 529 -18.31 7.90 -2.59
CA LEU A 529 -17.89 7.64 -1.22
C LEU A 529 -16.39 7.78 -1.07
N VAL A 530 -15.61 7.17 -1.97
CA VAL A 530 -14.17 7.25 -1.87
C VAL A 530 -13.68 8.65 -2.23
N LEU A 531 -14.27 9.25 -3.27
CA LEU A 531 -13.84 10.57 -3.70
C LEU A 531 -14.08 11.62 -2.63
N ALA A 532 -15.13 11.47 -1.82
CA ALA A 532 -15.40 12.43 -0.76
C ALA A 532 -14.27 12.45 0.27
N VAL A 533 -13.72 11.27 0.59
CA VAL A 533 -12.61 11.20 1.54
C VAL A 533 -11.35 11.80 0.93
N ILE A 534 -11.09 11.50 -0.34
CA ILE A 534 -9.88 12.01 -0.99
C ILE A 534 -9.94 13.53 -1.10
N GLN A 535 -11.09 14.08 -1.47
CA GLN A 535 -11.22 15.53 -1.59
C GLN A 535 -11.08 16.23 -0.25
N ALA A 536 -11.45 15.55 0.84
CA ALA A 536 -11.25 16.14 2.17
C ALA A 536 -9.76 16.20 2.52
N VAL A 537 -8.99 15.20 2.10
CA VAL A 537 -7.55 15.22 2.34
C VAL A 537 -6.89 16.30 1.49
N ILE A 538 -7.35 16.46 0.24
CA ILE A 538 -6.77 17.48 -0.63
C ILE A 538 -7.00 18.87 -0.06
N THR A 539 -8.22 19.14 0.42
CA THR A 539 -8.55 20.45 0.95
C THR A 539 -7.80 20.74 2.23
N SER A 540 -7.64 19.72 3.09
CA SER A 540 -6.96 19.94 4.37
C SER A 540 -5.49 20.26 4.17
N ARG A 541 -4.82 19.57 3.23
CA ARG A 541 -3.40 19.81 3.02
C ARG A 541 -3.15 21.10 2.24
N THR A 542 -4.11 21.53 1.42
CA THR A 542 -3.96 22.80 0.72
C THR A 542 -3.85 23.95 1.70
N LEU A 543 -4.66 23.95 2.74
CA LEU A 543 -4.63 25.02 3.73
C LEU A 543 -3.32 25.04 4.51
N TYR A 544 -2.81 23.86 4.86
CA TYR A 544 -1.60 23.78 5.68
C TYR A 544 -0.38 24.26 4.91
N LEU A 545 -0.28 23.91 3.63
CA LEU A 545 0.85 24.34 2.81
C LEU A 545 0.83 25.83 2.52
N GLY A 546 -0.28 26.51 2.75
CA GLY A 546 -0.42 27.91 2.45
C GLY A 546 -1.27 28.13 1.21
N GLY A 547 -2.55 28.44 1.40
CA GLY A 547 -3.46 28.58 0.30
C GLY A 547 -4.87 28.75 0.81
N THR A 548 -5.77 29.03 -0.12
CA THR A 548 -7.17 29.26 0.20
C THR A 548 -8.06 28.34 -0.62
N THR A 549 -9.34 28.36 -0.30
CA THR A 549 -10.35 27.59 -1.02
C THR A 549 -11.18 28.52 -1.89
N GLY A 550 -11.22 28.25 -3.18
CA GLY A 550 -11.94 29.07 -4.11
C GLY A 550 -11.55 28.78 -5.55
N PRO A 551 -12.06 29.57 -6.49
CA PRO A 551 -11.70 29.38 -7.90
C PRO A 551 -10.21 29.56 -8.12
N VAL A 552 -9.66 28.73 -9.02
CA VAL A 552 -8.24 28.76 -9.31
C VAL A 552 -7.85 30.05 -10.03
N LYS A 553 -8.79 30.70 -10.71
CA LYS A 553 -8.46 31.87 -11.53
C LYS A 553 -8.02 33.07 -10.71
N PHE A 554 -8.24 33.08 -9.40
CA PHE A 554 -7.66 34.08 -8.50
C PHE A 554 -6.68 33.39 -7.56
N MET A 555 -5.45 33.24 -8.01
CA MET A 555 -4.34 32.77 -7.18
C MET A 555 -3.11 33.60 -7.50
N ASN A 556 -2.23 33.74 -6.51
CA ASN A 556 -1.05 34.61 -6.63
C ASN A 556 0.23 33.83 -6.87
N ASP A 557 0.14 32.68 -7.54
CA ASP A 557 1.27 31.81 -7.88
C ASP A 557 1.95 31.21 -6.66
N VAL A 558 1.51 31.55 -5.45
CA VAL A 558 1.99 30.93 -4.23
C VAL A 558 0.99 29.91 -3.70
N GLN A 559 -0.30 30.27 -3.68
CA GLN A 559 -1.34 29.30 -3.39
C GLN A 559 -1.56 28.33 -4.55
N LEU A 560 -1.18 28.72 -5.77
CA LEU A 560 -1.23 27.79 -6.89
C LEU A 560 -0.15 26.72 -6.75
N ALA A 561 1.02 27.09 -6.25
CA ALA A 561 2.09 26.11 -6.06
C ALA A 561 1.74 25.16 -4.93
N ALA A 562 1.05 25.65 -3.89
CA ALA A 562 0.65 24.78 -2.79
C ALA A 562 -0.43 23.79 -3.23
N LEU A 563 -1.35 24.23 -4.08
CA LEU A 563 -2.36 23.33 -4.60
C LEU A 563 -1.73 22.23 -5.47
N ASP A 564 -0.64 22.56 -6.15
CA ASP A 564 0.10 21.55 -6.92
C ASP A 564 0.61 20.44 -6.00
N HIS A 565 1.23 20.82 -4.88
CA HIS A 565 1.78 19.83 -3.95
C HIS A 565 0.70 19.13 -3.15
N ALA A 566 -0.48 19.73 -3.01
CA ALA A 566 -1.56 19.06 -2.30
C ALA A 566 -2.14 17.91 -3.13
N TYR A 567 -2.32 18.14 -4.43
CA TYR A 567 -2.81 17.06 -5.30
C TYR A 567 -1.83 15.91 -5.35
N THR A 568 -0.54 16.20 -5.42
CA THR A 568 0.47 15.15 -5.44
C THR A 568 0.47 14.36 -4.14
N TYR A 569 0.31 15.04 -3.01
CA TYR A 569 0.23 14.34 -1.72
C TYR A 569 -1.00 13.44 -1.66
N GLY A 570 -2.14 13.92 -2.18
CA GLY A 570 -3.35 13.12 -2.16
C GLY A 570 -3.36 11.97 -3.12
N LEU A 571 -2.44 11.96 -4.10
CA LEU A 571 -2.33 10.81 -4.99
C LEU A 571 -1.87 9.56 -4.24
N LEU A 572 -1.13 9.74 -3.14
CA LEU A 572 -0.69 8.60 -2.35
C LEU A 572 -1.82 8.02 -1.49
N TRP A 573 -2.79 8.84 -1.09
CA TRP A 573 -3.91 8.31 -0.34
C TRP A 573 -4.84 7.49 -1.22
N VAL A 574 -4.87 7.76 -2.52
CA VAL A 574 -5.57 6.87 -3.45
C VAL A 574 -4.91 5.51 -3.47
N ALA A 575 -3.57 5.48 -3.38
CA ALA A 575 -2.85 4.22 -3.23
C ALA A 575 -3.19 3.54 -1.91
N GLY A 576 -3.47 4.32 -0.87
CA GLY A 576 -3.90 3.72 0.39
C GLY A 576 -5.25 3.05 0.27
N ALA A 577 -6.17 3.64 -0.48
CA ALA A 577 -7.47 3.02 -0.70
C ALA A 577 -7.36 1.80 -1.59
N ALA A 578 -6.44 1.81 -2.56
CA ALA A 578 -6.25 0.65 -3.42
C ALA A 578 -5.66 -0.53 -2.65
N ILE A 579 -4.95 -0.25 -1.56
CA ILE A 579 -4.41 -1.33 -0.73
C ILE A 579 -5.55 -2.08 -0.05
N ILE A 580 -6.57 -1.36 0.41
CA ILE A 580 -7.73 -2.01 1.02
C ILE A 580 -8.43 -2.90 0.01
N VAL A 581 -8.49 -2.46 -1.25
CA VAL A 581 -9.09 -3.27 -2.30
C VAL A 581 -8.32 -4.56 -2.49
N GLY A 582 -6.99 -4.49 -2.46
CA GLY A 582 -6.17 -5.69 -2.56
C GLY A 582 -6.43 -6.66 -1.42
N GLY A 583 -6.62 -6.12 -0.21
CA GLY A 583 -6.85 -6.98 0.94
C GLY A 583 -8.11 -7.82 0.83
N MET A 584 -9.19 -7.23 0.31
CA MET A 584 -10.41 -7.99 0.10
C MET A 584 -10.31 -8.92 -1.10
N ALA A 585 -9.41 -8.64 -2.04
CA ALA A 585 -9.22 -9.50 -3.19
C ALA A 585 -8.51 -10.80 -2.85
N LEU A 586 -7.93 -10.91 -1.66
CA LEU A 586 -7.27 -12.13 -1.22
C LEU A 586 -8.26 -13.20 -0.79
N PHE A 587 -9.52 -12.84 -0.55
CA PHE A 587 -10.54 -13.77 -0.09
C PHE A 587 -11.42 -14.29 -1.22
N ILE A 588 -11.07 -14.00 -2.48
CA ILE A 588 -11.93 -14.40 -3.60
C ILE A 588 -11.94 -15.92 -3.74
N GLY A 589 -10.78 -16.50 -4.03
CA GLY A 589 -10.67 -17.94 -4.05
C GLY A 589 -11.43 -18.66 -5.14
N TYR A 590 -11.81 -17.94 -6.20
CA TYR A 590 -12.47 -18.59 -7.33
C TYR A 590 -11.43 -19.34 -8.17
N THR A 591 -11.73 -20.58 -8.50
CA THR A 591 -10.89 -21.34 -9.40
C THR A 591 -11.04 -20.80 -10.83
N PRO A 592 -9.98 -20.83 -11.62
CA PRO A 592 -10.14 -20.46 -13.04
C PRO A 592 -11.04 -21.39 -13.82
N GLN A 593 -11.31 -22.58 -13.29
CA GLN A 593 -12.26 -23.49 -13.92
C GLN A 593 -13.70 -23.02 -13.71
N GLN A 594 -13.98 -22.26 -12.65
CA GLN A 594 -15.33 -21.79 -12.38
C GLN A 594 -15.68 -20.51 -13.13
N VAL A 595 -14.75 -19.57 -13.24
CA VAL A 595 -15.04 -18.30 -13.90
C VAL A 595 -14.80 -18.34 -15.40
N ALA A 596 -14.01 -19.29 -15.89
CA ALA A 596 -13.73 -19.41 -17.31
C ALA A 596 -13.35 -20.86 -17.58
N HIS A 597 -12.75 -21.12 -18.73
CA HIS A 597 -12.19 -22.43 -19.06
C HIS A 597 -13.26 -23.52 -19.02
N ALA A 598 -14.23 -23.39 -19.92
CA ALA A 598 -15.27 -24.40 -20.06
C ALA A 598 -15.83 -24.42 -21.48
N ARG B 129 12.13 -20.81 37.77
CA ARG B 129 12.99 -19.69 37.42
C ARG B 129 13.88 -20.06 36.24
N SER B 130 14.04 -21.36 36.01
CA SER B 130 14.92 -21.84 34.96
C SER B 130 14.48 -21.38 33.58
N PHE B 131 13.16 -21.24 33.36
CA PHE B 131 12.68 -20.82 32.05
C PHE B 131 12.91 -19.33 31.83
N ILE B 132 12.49 -18.50 32.79
CA ILE B 132 12.62 -17.05 32.62
C ILE B 132 14.09 -16.64 32.61
N ALA B 133 14.93 -17.32 33.40
CA ALA B 133 16.35 -17.01 33.40
C ALA B 133 17.03 -17.42 32.10
N ALA B 134 16.45 -18.35 31.35
CA ALA B 134 17.06 -18.80 30.10
C ALA B 134 16.75 -17.85 28.96
N VAL B 135 15.48 -17.43 28.84
CA VAL B 135 15.10 -16.53 27.75
C VAL B 135 15.73 -15.16 27.94
N ILE B 136 15.85 -14.69 29.19
CA ILE B 136 16.48 -13.41 29.45
C ILE B 136 17.96 -13.45 29.05
N ALA B 137 18.65 -14.53 29.41
CA ALA B 137 20.08 -14.62 29.12
C ALA B 137 20.34 -14.75 27.62
N ILE B 138 19.51 -15.51 26.91
CA ILE B 138 19.75 -15.77 25.49
C ILE B 138 19.61 -14.48 24.68
N GLY B 139 18.56 -13.70 24.95
CA GLY B 139 18.34 -12.47 24.25
C GLY B 139 19.09 -11.27 24.78
N GLY B 140 20.09 -11.50 25.63
CA GLY B 140 20.78 -10.39 26.28
C GLY B 140 21.60 -9.55 25.31
N MET B 141 22.24 -10.19 24.32
CA MET B 141 23.07 -9.43 23.41
C MET B 141 22.25 -8.51 22.52
N GLN B 142 20.99 -8.86 22.24
CA GLN B 142 20.10 -7.93 21.54
C GLN B 142 19.86 -6.68 22.38
N LEU B 143 19.69 -6.84 23.69
CA LEU B 143 19.54 -5.69 24.57
C LEU B 143 20.81 -4.85 24.61
N LEU B 144 21.97 -5.50 24.70
CA LEU B 144 23.22 -4.77 24.90
C LEU B 144 23.63 -4.02 23.64
N ALA B 145 23.60 -4.69 22.49
CA ALA B 145 24.11 -4.08 21.26
C ALA B 145 23.23 -2.95 20.78
N THR B 146 21.91 -3.14 20.82
CA THR B 146 21.00 -2.10 20.34
C THR B 146 21.06 -0.87 21.24
N MET B 147 21.12 -1.06 22.56
CA MET B 147 21.21 0.07 23.47
C MET B 147 22.49 0.87 23.26
N ASP B 148 23.60 0.18 23.03
CA ASP B 148 24.88 0.86 22.79
C ASP B 148 24.83 1.70 21.52
N SER B 149 24.11 1.24 20.50
CA SER B 149 24.07 1.96 19.23
C SER B 149 23.43 3.33 19.40
N THR B 150 22.33 3.42 20.16
CA THR B 150 21.65 4.69 20.33
C THR B 150 22.43 5.64 21.23
N VAL B 151 23.04 5.11 22.29
CA VAL B 151 23.79 5.95 23.21
C VAL B 151 25.00 6.56 22.51
N ALA B 152 25.68 5.78 21.67
CA ALA B 152 26.82 6.31 20.92
C ALA B 152 26.39 7.40 19.96
N ILE B 153 25.20 7.25 19.35
CA ILE B 153 24.69 8.28 18.45
C ILE B 153 24.38 9.56 19.22
N VAL B 154 23.75 9.43 20.39
CA VAL B 154 23.35 10.60 21.16
C VAL B 154 24.57 11.39 21.61
N ALA B 155 25.61 10.71 22.10
CA ALA B 155 26.76 11.36 22.69
C ALA B 155 27.80 11.80 21.67
N LEU B 156 27.51 11.69 20.38
CA LEU B 156 28.47 12.11 19.36
C LEU B 156 28.82 13.59 19.40
N PRO B 157 27.87 14.54 19.49
CA PRO B 157 28.26 15.95 19.51
C PRO B 157 29.18 16.33 20.66
N LYS B 158 29.00 15.74 21.86
CA LYS B 158 29.89 16.06 22.97
C LYS B 158 31.27 15.44 22.79
N ILE B 159 31.40 14.40 21.98
CA ILE B 159 32.71 13.86 21.65
C ILE B 159 33.51 14.88 20.85
N GLN B 160 32.84 15.66 20.01
CA GLN B 160 33.53 16.73 19.28
C GLN B 160 34.13 17.75 20.24
N ASN B 161 33.37 18.13 21.26
CA ASN B 161 33.79 19.21 22.14
C ASN B 161 34.90 18.80 23.10
N GLU B 162 35.24 17.53 23.18
CA GLU B 162 36.27 17.05 24.09
C GLU B 162 37.50 16.52 23.35
N LEU B 163 37.32 15.56 22.45
CA LEU B 163 38.46 15.04 21.68
C LEU B 163 38.87 15.95 20.54
N SER B 164 37.98 16.84 20.08
CA SER B 164 38.24 17.71 18.95
C SER B 164 38.67 16.90 17.73
N LEU B 165 37.82 15.95 17.36
CA LEU B 165 38.13 14.99 16.31
C LEU B 165 37.68 15.44 14.93
N SER B 166 37.13 16.66 14.81
CA SER B 166 36.73 17.24 13.54
C SER B 166 35.59 16.48 12.88
N ASP B 167 35.12 16.97 11.73
CA ASP B 167 33.98 16.34 11.06
C ASP B 167 34.37 15.04 10.39
N ALA B 168 35.63 14.90 9.97
CA ALA B 168 36.06 13.67 9.33
C ALA B 168 36.03 12.49 10.30
N GLY B 169 36.44 12.71 11.55
CA GLY B 169 36.43 11.67 12.55
C GLY B 169 35.07 11.38 13.16
N ARG B 170 34.08 12.22 12.90
CA ARG B 170 32.74 11.96 13.43
C ARG B 170 32.17 10.64 12.92
N SER B 171 32.34 10.38 11.62
CA SER B 171 31.82 9.14 11.06
C SER B 171 32.72 7.94 11.36
N TRP B 172 33.99 8.17 11.69
CA TRP B 172 34.92 7.07 11.87
C TRP B 172 34.67 6.30 13.17
N VAL B 173 33.98 6.90 14.15
CA VAL B 173 33.66 6.14 15.35
C VAL B 173 32.44 5.25 15.14
N ILE B 174 31.54 5.63 14.23
CA ILE B 174 30.35 4.83 13.99
C ILE B 174 30.66 3.64 13.09
N THR B 175 31.29 3.91 11.94
CA THR B 175 31.57 2.83 10.99
C THR B 175 32.66 1.89 11.45
N ALA B 176 33.47 2.27 12.44
CA ALA B 176 34.45 1.34 12.99
C ALA B 176 33.75 0.15 13.65
N TYR B 177 32.68 0.41 14.40
CA TYR B 177 31.89 -0.67 14.95
C TYR B 177 31.23 -1.50 13.86
N VAL B 178 30.66 -0.82 12.85
CA VAL B 178 29.97 -1.52 11.78
C VAL B 178 30.96 -2.31 10.91
N LEU B 179 32.21 -1.86 10.85
CA LEU B 179 33.19 -2.53 10.00
C LEU B 179 33.42 -3.97 10.45
N THR B 180 33.54 -4.20 11.75
CA THR B 180 33.80 -5.53 12.26
C THR B 180 32.54 -6.33 12.56
N PHE B 181 31.45 -5.64 12.93
CA PHE B 181 30.22 -6.34 13.27
C PHE B 181 29.62 -7.04 12.06
N GLY B 182 29.72 -6.42 10.88
CA GLY B 182 29.24 -7.05 9.66
C GLY B 182 30.29 -7.89 8.97
N GLY B 183 31.57 -7.52 9.15
CA GLY B 183 32.63 -8.29 8.53
C GLY B 183 32.81 -9.67 9.13
N LEU B 184 32.74 -9.76 10.46
CA LEU B 184 32.99 -11.00 11.18
C LEU B 184 31.74 -11.82 11.44
N MET B 185 30.59 -11.41 10.90
CA MET B 185 29.34 -12.07 11.25
C MET B 185 29.31 -13.51 10.76
N LEU B 186 29.78 -13.76 9.53
CA LEU B 186 29.76 -15.12 8.99
C LEU B 186 30.77 -16.01 9.69
N LEU B 187 31.93 -15.45 10.05
CA LEU B 187 32.92 -16.21 10.81
C LEU B 187 32.36 -16.62 12.17
N GLY B 188 31.66 -15.70 12.84
CA GLY B 188 31.06 -16.02 14.13
C GLY B 188 29.86 -16.95 14.03
N GLY B 189 29.29 -17.10 12.83
CA GLY B 189 28.19 -18.03 12.66
C GLY B 189 28.62 -19.47 12.81
N ARG B 190 29.77 -19.83 12.25
CA ARG B 190 30.29 -21.19 12.33
C ARG B 190 31.24 -21.39 13.50
N LEU B 191 31.45 -20.37 14.33
CA LEU B 191 32.40 -20.48 15.43
C LEU B 191 31.85 -21.31 16.57
N GLY B 192 30.54 -21.33 16.76
CA GLY B 192 29.95 -22.09 17.85
C GLY B 192 29.94 -23.58 17.62
N ASP B 193 30.06 -24.02 16.38
CA ASP B 193 30.06 -25.45 16.08
C ASP B 193 31.39 -26.11 16.43
N THR B 194 32.49 -25.37 16.32
CA THR B 194 33.82 -25.93 16.55
C THR B 194 34.34 -25.72 17.97
N ILE B 195 33.70 -24.85 18.75
CA ILE B 195 34.11 -24.56 20.11
C ILE B 195 32.99 -24.82 21.12
N GLY B 196 31.78 -24.36 20.81
CA GLY B 196 30.65 -24.51 21.70
C GLY B 196 29.79 -23.27 21.71
N ARG B 197 28.47 -23.44 21.55
CA ARG B 197 27.59 -22.28 21.46
C ARG B 197 27.52 -21.52 22.78
N LYS B 198 27.52 -22.24 23.91
CA LYS B 198 27.47 -21.53 25.18
C LYS B 198 28.78 -20.82 25.47
N ARG B 199 29.92 -21.49 25.20
CA ARG B 199 31.22 -20.83 25.38
C ARG B 199 31.36 -19.65 24.44
N THR B 200 30.86 -19.76 23.21
CA THR B 200 30.89 -18.64 22.29
C THR B 200 30.06 -17.48 22.80
N PHE B 201 28.94 -17.78 23.46
CA PHE B 201 28.06 -16.72 23.93
C PHE B 201 28.67 -15.92 25.08
N ILE B 202 29.32 -16.60 26.02
CA ILE B 202 29.95 -15.90 27.14
C ILE B 202 31.17 -15.12 26.66
N VAL B 203 32.00 -15.73 25.82
CA VAL B 203 33.22 -15.07 25.36
C VAL B 203 32.88 -13.83 24.54
N GLY B 204 31.91 -13.95 23.63
CA GLY B 204 31.54 -12.82 22.81
C GLY B 204 30.98 -11.66 23.61
N VAL B 205 30.18 -11.95 24.63
CA VAL B 205 29.63 -10.90 25.48
C VAL B 205 30.73 -10.29 26.34
N ALA B 206 31.64 -11.11 26.86
CA ALA B 206 32.69 -10.60 27.75
C ALA B 206 33.59 -9.62 27.03
N LEU B 207 33.94 -9.91 25.77
CA LEU B 207 34.73 -8.96 25.00
C LEU B 207 33.96 -7.69 24.71
N PHE B 208 32.63 -7.78 24.55
CA PHE B 208 31.82 -6.58 24.41
C PHE B 208 31.84 -5.75 25.68
N THR B 209 31.73 -6.39 26.84
CA THR B 209 31.65 -5.66 28.11
C THR B 209 32.99 -5.05 28.49
N ILE B 210 34.08 -5.77 28.23
CA ILE B 210 35.41 -5.22 28.49
C ILE B 210 35.67 -4.03 27.58
N SER B 211 35.22 -4.11 26.33
CA SER B 211 35.50 -3.05 25.37
C SER B 211 34.81 -1.74 25.76
N SER B 212 33.67 -1.81 26.44
CA SER B 212 32.97 -0.59 26.84
C SER B 212 33.78 0.22 27.84
N VAL B 213 34.47 -0.47 28.76
CA VAL B 213 35.30 0.24 29.72
C VAL B 213 36.46 0.93 29.01
N LEU B 214 37.09 0.24 28.06
CA LEU B 214 38.13 0.86 27.25
C LEU B 214 37.60 1.99 26.39
N CYS B 215 36.29 1.97 26.08
CA CYS B 215 35.69 3.06 25.32
C CYS B 215 35.44 4.30 26.19
N ALA B 216 35.16 4.10 27.47
CA ALA B 216 34.85 5.21 28.37
C ALA B 216 36.08 5.87 28.99
N VAL B 217 37.27 5.31 28.76
CA VAL B 217 38.51 5.91 29.22
C VAL B 217 39.35 6.44 28.07
N ALA B 218 38.77 6.55 26.88
CA ALA B 218 39.53 6.97 25.71
C ALA B 218 40.02 8.41 25.88
N TRP B 219 41.28 8.64 25.48
CA TRP B 219 41.88 9.96 25.56
C TRP B 219 42.24 10.54 24.20
N ASP B 220 42.32 9.72 23.16
CA ASP B 220 42.75 10.16 21.84
C ASP B 220 41.93 9.42 20.81
N GLU B 221 41.88 9.96 19.59
CA GLU B 221 41.08 9.37 18.53
C GLU B 221 41.48 7.93 18.27
N ALA B 222 42.79 7.62 18.32
CA ALA B 222 43.23 6.25 18.13
C ALA B 222 42.71 5.33 19.23
N THR B 223 42.60 5.84 20.46
CA THR B 223 42.07 5.02 21.55
C THR B 223 40.60 4.67 21.33
N LEU B 224 39.81 5.64 20.85
CA LEU B 224 38.37 5.42 20.74
C LEU B 224 38.05 4.48 19.58
N VAL B 225 38.71 4.64 18.44
CA VAL B 225 38.40 3.80 17.29
C VAL B 225 38.76 2.34 17.56
N ILE B 226 39.90 2.09 18.18
CA ILE B 226 40.28 0.73 18.52
C ILE B 226 39.30 0.15 19.53
N ALA B 227 38.82 0.97 20.47
CA ALA B 227 37.81 0.50 21.41
C ALA B 227 36.51 0.17 20.69
N ARG B 228 36.12 0.98 19.70
CA ARG B 228 34.92 0.68 18.93
C ARG B 228 35.13 -0.50 17.98
N LEU B 229 36.37 -0.74 17.55
CA LEU B 229 36.65 -1.90 16.72
C LEU B 229 36.42 -3.19 17.50
N SER B 230 36.90 -3.25 18.75
CA SER B 230 36.79 -4.48 19.53
C SER B 230 35.37 -4.73 20.01
N GLN B 231 34.54 -3.69 20.13
CA GLN B 231 33.14 -3.91 20.43
C GLN B 231 32.44 -4.61 19.28
N GLY B 232 32.79 -4.27 18.05
CA GLY B 232 32.22 -4.97 16.90
C GLY B 232 32.67 -6.42 16.83
N VAL B 233 33.94 -6.68 17.19
CA VAL B 233 34.42 -8.06 17.21
C VAL B 233 33.69 -8.87 18.26
N GLY B 234 33.49 -8.31 19.46
CA GLY B 234 32.74 -9.00 20.48
C GLY B 234 31.27 -9.18 20.13
N SER B 235 30.69 -8.22 19.42
CA SER B 235 29.28 -8.32 19.04
C SER B 235 29.10 -9.32 17.89
N ALA B 236 30.05 -9.37 16.97
CA ALA B 236 29.91 -10.26 15.82
C ALA B 236 30.00 -11.73 16.22
N ILE B 237 30.72 -12.02 17.31
CA ILE B 237 30.87 -13.41 17.74
C ILE B 237 29.62 -13.88 18.47
N ALA B 238 29.04 -13.04 19.32
CA ALA B 238 27.96 -13.47 20.20
C ALA B 238 26.57 -13.24 19.63
N SER B 239 26.39 -12.24 18.76
CA SER B 239 25.06 -11.93 18.26
C SER B 239 24.43 -13.07 17.45
N PRO B 240 25.10 -13.66 16.45
CA PRO B 240 24.47 -14.78 15.74
C PRO B 240 24.24 -16.01 16.61
N THR B 241 25.09 -16.22 17.62
CA THR B 241 24.90 -17.36 18.52
C THR B 241 23.63 -17.20 19.35
N GLY B 242 23.20 -15.96 19.60
CA GLY B 242 21.98 -15.76 20.36
C GLY B 242 20.75 -16.28 19.65
N LEU B 243 20.64 -16.02 18.34
CA LEU B 243 19.51 -16.55 17.58
C LEU B 243 19.59 -18.07 17.47
N ALA B 244 20.79 -18.62 17.26
CA ALA B 244 20.93 -20.06 17.18
C ALA B 244 20.58 -20.74 18.50
N LEU B 245 20.85 -20.07 19.62
CA LEU B 245 20.57 -20.66 20.92
C LEU B 245 19.08 -20.83 21.17
N VAL B 246 18.24 -20.05 20.48
CA VAL B 246 16.79 -20.21 20.63
C VAL B 246 16.34 -21.55 20.05
N ALA B 247 16.87 -21.91 18.88
CA ALA B 247 16.41 -23.12 18.20
C ALA B 247 16.92 -24.39 18.88
N THR B 248 18.17 -24.38 19.36
CA THR B 248 18.74 -25.59 19.93
C THR B 248 18.28 -25.81 21.37
N THR B 249 18.22 -24.75 22.17
CA THR B 249 17.88 -24.92 23.59
C THR B 249 16.42 -25.29 23.76
N PHE B 250 15.51 -24.58 23.10
CA PHE B 250 14.08 -24.79 23.25
C PHE B 250 13.56 -25.65 22.11
N ARG B 251 12.85 -26.72 22.46
CA ARG B 251 12.24 -27.58 21.47
C ARG B 251 11.08 -26.87 20.78
N LYS B 252 10.75 -27.34 19.57
CA LYS B 252 9.66 -26.75 18.81
C LYS B 252 8.34 -26.95 19.55
N GLY B 253 7.59 -25.86 19.72
CA GLY B 253 6.35 -25.91 20.45
C GLY B 253 6.08 -24.61 21.19
N PRO B 254 5.26 -24.68 22.24
CA PRO B 254 4.97 -23.47 23.01
C PRO B 254 6.19 -22.86 23.67
N ALA B 255 7.22 -23.66 23.99
CA ALA B 255 8.40 -23.12 24.63
C ALA B 255 9.19 -22.23 23.67
N ARG B 256 9.35 -22.66 22.42
CA ARG B 256 10.07 -21.84 21.45
C ARG B 256 9.28 -20.58 21.08
N ASN B 257 7.96 -20.68 21.02
CA ASN B 257 7.13 -19.52 20.71
C ASN B 257 7.25 -18.47 21.80
N ALA B 258 7.27 -18.89 23.06
CA ALA B 258 7.49 -17.93 24.14
C ALA B 258 8.91 -17.40 24.14
N ALA B 259 9.89 -18.22 23.76
CA ALA B 259 11.27 -17.75 23.69
C ALA B 259 11.47 -16.78 22.54
N THR B 260 10.74 -16.96 21.43
CA THR B 260 10.85 -16.02 20.32
C THR B 260 10.32 -14.65 20.71
N ALA B 261 9.23 -14.62 21.48
CA ALA B 261 8.66 -13.34 21.90
C ALA B 261 9.63 -12.57 22.79
N VAL B 262 10.28 -13.25 23.73
CA VAL B 262 11.21 -12.59 24.64
C VAL B 262 12.44 -12.11 23.89
N PHE B 263 12.91 -12.90 22.91
CA PHE B 263 14.06 -12.51 22.12
C PHE B 263 13.79 -11.24 21.33
N ALA B 264 12.57 -11.10 20.81
CA ALA B 264 12.19 -9.90 20.08
C ALA B 264 11.73 -8.77 21.00
N ALA B 265 11.39 -9.07 22.25
CA ALA B 265 10.87 -8.04 23.14
C ALA B 265 11.97 -7.08 23.59
N MET B 266 13.13 -7.62 23.95
CA MET B 266 14.19 -6.79 24.52
C MET B 266 15.10 -6.17 23.46
N THR B 267 14.81 -6.38 22.18
CA THR B 267 15.48 -5.58 21.17
C THR B 267 14.93 -4.17 21.14
N ALA B 268 13.61 -4.03 21.22
CA ALA B 268 13.00 -2.70 21.29
C ALA B 268 13.16 -2.08 22.67
N ILE B 269 13.26 -2.89 23.72
CA ILE B 269 13.45 -2.35 25.06
C ILE B 269 14.81 -1.67 25.17
N GLY B 270 15.85 -2.26 24.59
CA GLY B 270 17.16 -1.63 24.60
C GLY B 270 17.19 -0.33 23.84
N SER B 271 16.44 -0.23 22.74
CA SER B 271 16.41 1.01 21.98
C SER B 271 15.76 2.13 22.78
N VAL B 272 14.65 1.85 23.46
CA VAL B 272 13.98 2.88 24.25
C VAL B 272 14.81 3.23 25.48
N MET B 273 15.37 2.22 26.16
CA MET B 273 16.23 2.48 27.30
C MET B 273 17.50 3.20 26.89
N GLY B 274 17.93 3.04 25.64
CA GLY B 274 19.10 3.77 25.17
C GLY B 274 18.86 5.26 25.10
N LEU B 275 17.66 5.67 24.68
CA LEU B 275 17.33 7.09 24.66
C LEU B 275 17.21 7.64 26.07
N VAL B 276 16.60 6.89 26.98
CA VAL B 276 16.40 7.38 28.34
C VAL B 276 17.75 7.49 29.06
N VAL B 277 18.58 6.45 28.97
CA VAL B 277 19.89 6.50 29.60
C VAL B 277 20.78 7.53 28.93
N GLY B 278 20.80 7.55 27.59
CA GLY B 278 21.62 8.50 26.88
C GLY B 278 21.09 9.91 26.88
N GLY B 279 19.85 10.12 27.31
CA GLY B 279 19.29 11.46 27.38
C GLY B 279 19.33 12.04 28.78
N ALA B 280 19.61 11.19 29.77
CA ALA B 280 19.67 11.61 31.16
C ALA B 280 21.11 11.77 31.67
N LEU B 281 21.93 10.73 31.51
CA LEU B 281 23.30 10.75 32.02
C LEU B 281 24.27 11.18 30.92
N THR B 282 24.02 12.38 30.37
CA THR B 282 24.83 12.89 29.28
C THR B 282 25.29 14.31 29.55
N GLU B 283 24.53 15.05 30.36
CA GLU B 283 24.90 16.42 30.68
C GLU B 283 26.04 16.51 31.69
N VAL B 284 26.31 15.43 32.42
CA VAL B 284 27.45 15.43 33.35
C VAL B 284 28.71 14.90 32.67
N SER B 285 28.58 13.92 31.78
CA SER B 285 29.68 13.36 31.01
C SER B 285 29.14 12.34 30.03
N TRP B 286 29.77 12.25 28.87
CA TRP B 286 29.49 11.16 27.95
C TRP B 286 30.18 9.87 28.39
N ARG B 287 31.14 9.97 29.31
CA ARG B 287 31.86 8.80 29.77
C ARG B 287 31.00 7.92 30.66
N TRP B 288 30.09 8.52 31.43
CA TRP B 288 29.20 7.76 32.30
C TRP B 288 28.16 6.98 31.52
N ALA B 289 27.82 7.43 30.31
CA ALA B 289 26.84 6.71 29.50
C ALA B 289 27.36 5.35 29.08
N PHE B 290 28.63 5.28 28.67
CA PHE B 290 29.21 4.01 28.25
C PHE B 290 29.45 3.06 29.41
N LEU B 291 29.46 3.57 30.64
CA LEU B 291 29.70 2.74 31.81
C LEU B 291 28.42 2.12 32.38
N VAL B 292 27.28 2.33 31.72
CA VAL B 292 26.05 1.69 32.16
C VAL B 292 25.88 0.30 31.58
N ASN B 293 26.63 -0.04 30.53
CA ASN B 293 26.54 -1.38 29.93
C ASN B 293 27.15 -2.43 30.84
N VAL B 294 28.13 -2.06 31.66
CA VAL B 294 28.88 -3.01 32.47
C VAL B 294 27.98 -3.68 33.51
N PRO B 295 27.18 -2.94 34.30
CA PRO B 295 26.28 -3.64 35.23
C PRO B 295 25.27 -4.55 34.55
N ILE B 296 24.73 -4.14 33.40
CA ILE B 296 23.78 -4.96 32.68
C ILE B 296 24.48 -6.16 32.04
N GLY B 297 25.66 -5.94 31.46
CA GLY B 297 26.38 -7.03 30.82
C GLY B 297 26.83 -8.09 31.81
N LEU B 298 27.24 -7.68 33.00
CA LEU B 298 27.71 -8.64 33.99
C LEU B 298 26.61 -9.58 34.46
N VAL B 299 25.37 -9.09 34.49
CA VAL B 299 24.26 -9.95 34.91
C VAL B 299 23.98 -11.02 33.87
N MET B 300 24.05 -10.66 32.58
CA MET B 300 23.75 -11.63 31.53
C MET B 300 24.85 -12.67 31.39
N ILE B 301 26.10 -12.31 31.71
CA ILE B 301 27.16 -13.31 31.79
C ILE B 301 26.93 -14.22 33.00
N TYR B 302 26.44 -13.66 34.10
CA TYR B 302 26.14 -14.48 35.27
C TYR B 302 24.96 -15.40 35.01
N LEU B 303 23.89 -14.87 34.40
CA LEU B 303 22.71 -15.69 34.13
C LEU B 303 23.02 -16.81 33.15
N ALA B 304 23.77 -16.52 32.10
CA ALA B 304 24.08 -17.53 31.10
C ALA B 304 24.97 -18.64 31.64
N ARG B 305 25.71 -18.37 32.71
CA ARG B 305 26.59 -19.40 33.27
C ARG B 305 25.81 -20.42 34.10
N THR B 306 24.73 -20.01 34.75
CA THR B 306 24.00 -20.87 35.68
C THR B 306 22.63 -21.31 35.18
N ALA B 307 22.18 -20.80 34.04
CA ALA B 307 20.85 -21.14 33.54
C ALA B 307 20.86 -21.88 32.20
N LEU B 308 22.00 -21.93 31.52
CA LEU B 308 22.12 -22.65 30.26
C LEU B 308 23.07 -23.83 30.45
N ARG B 309 22.66 -25.00 29.97
CA ARG B 309 23.44 -26.22 30.12
C ARG B 309 24.26 -26.48 28.86
N GLU B 310 25.51 -26.87 29.06
CA GLU B 310 26.41 -27.12 27.93
C GLU B 310 26.03 -28.43 27.24
N THR B 311 25.64 -28.35 25.98
CA THR B 311 25.31 -29.53 25.20
C THR B 311 26.59 -30.27 24.81
N ASN B 312 26.43 -31.56 24.52
CA ASN B 312 27.55 -32.47 24.28
C ASN B 312 27.41 -33.13 22.91
N LYS B 313 28.04 -32.54 21.91
CA LYS B 313 28.25 -33.18 20.61
C LYS B 313 29.69 -32.97 20.20
N GLU B 314 30.17 -33.85 19.31
CA GLU B 314 31.56 -33.80 18.89
C GLU B 314 31.78 -32.59 17.98
N ARG B 315 32.86 -31.86 18.22
CA ARG B 315 33.12 -30.65 17.46
C ARG B 315 33.47 -31.00 16.02
N MET B 316 33.24 -30.03 15.13
CA MET B 316 33.46 -30.22 13.70
C MET B 316 34.57 -29.29 13.21
N LYS B 317 35.20 -29.69 12.12
CA LYS B 317 36.32 -28.93 11.58
C LYS B 317 35.83 -27.61 10.98
N LEU B 318 36.58 -26.54 11.23
CA LEU B 318 36.24 -25.23 10.71
C LEU B 318 36.73 -25.06 9.28
N ASP B 319 35.91 -24.40 8.46
CA ASP B 319 36.28 -24.04 7.09
C ASP B 319 37.22 -22.84 7.14
N ALA B 320 38.49 -23.11 7.42
CA ALA B 320 39.46 -22.04 7.57
C ALA B 320 39.65 -21.27 6.26
N THR B 321 39.76 -21.99 5.14
CA THR B 321 39.93 -21.31 3.85
C THR B 321 38.69 -20.52 3.48
N GLY B 322 37.50 -21.07 3.75
CA GLY B 322 36.28 -20.35 3.45
C GLY B 322 36.09 -19.13 4.34
N ALA B 323 36.50 -19.24 5.60
CA ALA B 323 36.31 -18.13 6.52
C ALA B 323 37.29 -17.00 6.25
N ILE B 324 38.47 -17.30 5.69
CA ILE B 324 39.46 -16.27 5.42
C ILE B 324 38.97 -15.35 4.31
N LEU B 325 38.43 -15.93 3.25
CA LEU B 325 37.95 -15.12 2.13
C LEU B 325 36.64 -14.42 2.46
N ALA B 326 35.78 -15.05 3.26
CA ALA B 326 34.51 -14.42 3.62
C ALA B 326 34.72 -13.18 4.48
N THR B 327 35.70 -13.23 5.39
CA THR B 327 35.94 -12.09 6.27
C THR B 327 36.54 -10.91 5.51
N LEU B 328 37.56 -11.16 4.70
CA LEU B 328 38.25 -10.06 4.02
C LEU B 328 37.43 -9.48 2.87
N ALA B 329 36.35 -10.14 2.46
CA ALA B 329 35.49 -9.61 1.41
C ALA B 329 34.42 -8.69 1.95
N CYS B 330 33.78 -9.04 3.07
CA CYS B 330 32.76 -8.18 3.65
C CYS B 330 33.37 -6.95 4.29
N THR B 331 34.53 -7.09 4.92
CA THR B 331 35.19 -5.94 5.52
C THR B 331 35.63 -4.94 4.46
N ALA B 332 36.14 -5.42 3.32
CA ALA B 332 36.51 -4.52 2.24
C ALA B 332 35.29 -3.84 1.63
N ALA B 333 34.18 -4.58 1.50
CA ALA B 333 32.98 -4.00 0.93
C ALA B 333 32.40 -2.89 1.81
N VAL B 334 32.41 -3.10 3.13
CA VAL B 334 31.93 -2.06 4.04
C VAL B 334 32.88 -0.88 4.05
N PHE B 335 34.19 -1.14 3.96
CA PHE B 335 35.17 -0.06 3.93
C PHE B 335 34.98 0.81 2.70
N ALA B 336 34.75 0.20 1.54
CA ALA B 336 34.54 0.97 0.32
C ALA B 336 33.26 1.81 0.42
N PHE B 337 32.20 1.25 0.99
CA PHE B 337 30.95 1.99 1.12
C PHE B 337 31.11 3.17 2.06
N SER B 338 31.87 3.01 3.15
CA SER B 338 32.04 4.10 4.11
C SER B 338 32.96 5.18 3.57
N ILE B 339 34.04 4.80 2.90
CA ILE B 339 35.00 5.78 2.37
C ILE B 339 34.47 6.49 1.14
N GLY B 340 33.38 6.00 0.55
CA GLY B 340 32.80 6.60 -0.62
C GLY B 340 32.45 8.07 -0.45
N PRO B 341 31.49 8.37 0.44
CA PRO B 341 31.09 9.77 0.63
C PRO B 341 32.22 10.67 1.10
N GLU B 342 33.21 10.15 1.81
CA GLU B 342 34.29 10.98 2.34
C GLU B 342 35.30 11.34 1.25
N LYS B 343 35.93 10.32 0.65
CA LYS B 343 36.99 10.53 -0.33
C LYS B 343 36.48 10.58 -1.76
N GLY B 344 35.19 10.42 -1.97
CA GLY B 344 34.66 10.42 -3.33
C GLY B 344 34.41 9.01 -3.84
N TRP B 345 33.39 8.88 -4.68
CA TRP B 345 33.02 7.56 -5.19
C TRP B 345 34.02 7.01 -6.21
N MET B 346 34.78 7.87 -6.86
CA MET B 346 35.74 7.46 -7.87
C MET B 346 37.12 8.03 -7.57
N SER B 347 37.52 8.01 -6.29
CA SER B 347 38.81 8.56 -5.92
C SER B 347 39.96 7.75 -6.52
N GLY B 348 39.84 6.43 -6.54
CA GLY B 348 40.91 5.57 -7.02
C GLY B 348 41.27 4.51 -6.00
N ILE B 349 41.18 4.86 -4.72
CA ILE B 349 41.39 3.87 -3.66
C ILE B 349 40.09 3.16 -3.30
N THR B 350 38.93 3.81 -3.52
CA THR B 350 37.67 3.16 -3.26
C THR B 350 37.40 2.04 -4.28
N ILE B 351 37.65 2.32 -5.56
CA ILE B 351 37.49 1.30 -6.59
C ILE B 351 38.50 0.19 -6.40
N GLY B 352 39.72 0.54 -5.97
CA GLY B 352 40.73 -0.48 -5.73
C GLY B 352 40.33 -1.46 -4.63
N SER B 353 39.68 -0.95 -3.57
CA SER B 353 39.21 -1.83 -2.51
C SER B 353 38.01 -2.66 -2.97
N GLY B 354 37.13 -2.09 -3.79
CA GLY B 354 36.03 -2.86 -4.34
C GLY B 354 36.50 -3.95 -5.28
N LEU B 355 37.56 -3.69 -6.05
CA LEU B 355 38.12 -4.72 -6.91
C LEU B 355 38.66 -5.88 -6.09
N VAL B 356 39.30 -5.58 -4.96
CA VAL B 356 39.78 -6.64 -4.09
C VAL B 356 38.62 -7.44 -3.52
N ALA B 357 37.55 -6.76 -3.10
CA ALA B 357 36.39 -7.47 -2.56
C ALA B 357 35.71 -8.32 -3.62
N LEU B 358 35.58 -7.80 -4.84
CA LEU B 358 34.96 -8.57 -5.91
C LEU B 358 35.84 -9.76 -6.29
N ALA B 359 37.16 -9.58 -6.28
CA ALA B 359 38.05 -10.71 -6.52
C ALA B 359 37.95 -11.75 -5.40
N ALA B 360 37.83 -11.29 -4.16
CA ALA B 360 37.66 -12.22 -3.05
C ALA B 360 36.30 -12.89 -3.09
N ALA B 361 35.25 -12.15 -3.45
CA ALA B 361 33.92 -12.73 -3.52
C ALA B 361 33.83 -13.81 -4.59
N VAL B 362 34.48 -13.58 -5.73
CA VAL B 362 34.51 -14.58 -6.79
C VAL B 362 35.25 -15.82 -6.33
N ALA B 363 36.40 -15.64 -5.69
CA ALA B 363 37.18 -16.78 -5.22
C ALA B 363 36.50 -17.51 -4.08
N PHE B 364 35.76 -16.79 -3.23
CA PHE B 364 35.10 -17.41 -2.10
C PHE B 364 34.03 -18.40 -2.55
N VAL B 365 33.31 -18.08 -3.63
CA VAL B 365 32.32 -19.00 -4.16
C VAL B 365 32.99 -20.22 -4.78
N ILE B 366 34.14 -20.01 -5.42
CA ILE B 366 34.80 -21.10 -6.14
C ILE B 366 35.24 -22.20 -5.16
N VAL B 367 35.86 -21.80 -4.05
CA VAL B 367 36.35 -22.79 -3.10
C VAL B 367 35.20 -23.52 -2.41
N GLU B 368 34.09 -22.83 -2.17
CA GLU B 368 33.00 -23.41 -1.40
C GLU B 368 32.36 -24.61 -2.08
N ARG B 369 32.57 -24.77 -3.39
CA ARG B 369 32.01 -25.92 -4.09
C ARG B 369 32.60 -27.22 -3.58
N THR B 370 33.91 -27.26 -3.35
CA THR B 370 34.62 -28.45 -2.91
C THR B 370 35.25 -28.24 -1.53
N ALA B 371 34.55 -27.51 -0.66
CA ALA B 371 35.02 -27.25 0.69
C ALA B 371 34.09 -27.93 1.69
N GLU B 372 34.68 -28.75 2.55
CA GLU B 372 33.91 -29.41 3.60
C GLU B 372 33.42 -28.41 4.62
N ASN B 373 32.21 -28.64 5.14
CA ASN B 373 31.59 -27.78 6.15
C ASN B 373 31.54 -26.34 5.65
N PRO B 374 30.71 -26.05 4.66
CA PRO B 374 30.71 -24.71 4.06
C PRO B 374 30.28 -23.64 5.05
N VAL B 375 30.87 -22.45 4.90
CA VAL B 375 30.40 -21.30 5.65
C VAL B 375 29.01 -20.91 5.19
N VAL B 376 28.78 -20.87 3.89
CA VAL B 376 27.46 -20.57 3.33
C VAL B 376 26.96 -21.80 2.58
N PRO B 377 25.93 -22.47 3.08
CA PRO B 377 25.37 -23.61 2.34
C PRO B 377 24.43 -23.18 1.22
N PHE B 378 24.99 -22.86 0.04
CA PHE B 378 24.15 -22.42 -1.06
C PHE B 378 23.12 -23.47 -1.45
N HIS B 379 23.43 -24.76 -1.26
CA HIS B 379 22.50 -25.81 -1.59
C HIS B 379 21.24 -25.77 -0.74
N LEU B 380 21.32 -25.19 0.46
CA LEU B 380 20.18 -25.07 1.34
C LEU B 380 19.20 -23.98 0.91
N PHE B 381 19.59 -23.14 -0.04
CA PHE B 381 18.76 -22.04 -0.54
C PHE B 381 18.31 -22.38 -1.96
N ARG B 382 17.14 -23.00 -2.06
CA ARG B 382 16.52 -23.37 -3.32
C ARG B 382 15.22 -22.59 -3.50
N ASP B 383 14.45 -22.96 -4.54
CA ASP B 383 13.18 -22.32 -4.86
C ASP B 383 12.14 -22.51 -3.76
N ARG B 384 12.55 -23.16 -2.66
CA ARG B 384 11.67 -23.40 -1.53
C ARG B 384 11.30 -22.11 -0.82
N ASN B 385 10.51 -22.22 0.25
CA ASN B 385 10.08 -21.05 1.01
C ASN B 385 11.23 -20.34 1.71
N ARG B 386 12.44 -20.88 1.67
CA ARG B 386 13.54 -20.27 2.39
C ARG B 386 13.97 -18.96 1.74
N LEU B 387 14.00 -18.91 0.41
CA LEU B 387 14.34 -17.66 -0.28
C LEU B 387 13.30 -16.59 -0.02
N VAL B 388 12.02 -16.95 -0.05
CA VAL B 388 10.96 -15.97 0.15
C VAL B 388 11.03 -15.40 1.57
N THR B 389 11.28 -16.25 2.56
CA THR B 389 11.42 -15.77 3.93
C THR B 389 12.66 -14.91 4.09
N PHE B 390 13.78 -15.33 3.49
CA PHE B 390 15.02 -14.57 3.62
C PHE B 390 15.02 -13.29 2.80
N SER B 391 14.22 -13.22 1.73
CA SER B 391 14.06 -11.96 1.01
C SER B 391 13.12 -11.02 1.76
N ALA B 392 12.15 -11.55 2.49
CA ALA B 392 11.25 -10.71 3.26
C ALA B 392 11.96 -10.04 4.42
N ILE B 393 12.83 -10.77 5.13
CA ILE B 393 13.54 -10.18 6.26
C ILE B 393 14.56 -9.16 5.80
N LEU B 394 15.08 -9.29 4.56
CA LEU B 394 15.97 -8.28 4.02
C LEU B 394 15.26 -6.94 3.87
N LEU B 395 14.02 -6.95 3.40
CA LEU B 395 13.26 -5.73 3.19
C LEU B 395 12.49 -5.30 4.43
N ALA B 396 12.03 -6.25 5.25
CA ALA B 396 11.33 -5.88 6.48
C ALA B 396 12.26 -5.19 7.46
N GLY B 397 13.55 -5.54 7.45
CA GLY B 397 14.50 -4.82 8.28
C GLY B 397 14.69 -3.38 7.82
N GLY B 398 14.70 -3.16 6.52
CA GLY B 398 14.85 -1.81 6.01
C GLY B 398 13.65 -0.93 6.34
N VAL B 399 12.45 -1.50 6.31
CA VAL B 399 11.26 -0.74 6.66
C VAL B 399 11.30 -0.33 8.13
N MET B 400 11.69 -1.26 9.01
CA MET B 400 11.74 -0.94 10.44
C MET B 400 12.87 0.02 10.76
N PHE B 401 14.04 -0.18 10.15
CA PHE B 401 15.16 0.72 10.43
C PHE B 401 14.89 2.14 9.95
N SER B 402 14.35 2.27 8.73
CA SER B 402 14.05 3.61 8.21
C SER B 402 12.94 4.28 9.00
N LEU B 403 12.01 3.49 9.54
CA LEU B 403 10.92 4.07 10.33
C LEU B 403 11.42 4.60 11.67
N THR B 404 12.42 3.94 12.25
CA THR B 404 12.94 4.38 13.54
C THR B 404 13.80 5.62 13.39
N VAL B 405 14.62 5.68 12.34
CA VAL B 405 15.51 6.82 12.16
C VAL B 405 14.71 8.08 11.85
N CYS B 406 13.72 7.97 10.96
CA CYS B 406 12.97 9.14 10.53
C CYS B 406 12.08 9.67 11.66
N ILE B 407 11.48 8.77 12.44
CA ILE B 407 10.61 9.21 13.53
C ILE B 407 11.42 9.88 14.63
N GLY B 408 12.59 9.34 14.95
CA GLY B 408 13.44 9.97 15.96
C GLY B 408 13.92 11.34 15.52
N LEU B 409 14.30 11.47 14.25
CA LEU B 409 14.73 12.77 13.73
C LEU B 409 13.57 13.76 13.71
N TYR B 410 12.38 13.30 13.33
CA TYR B 410 11.21 14.19 13.28
C TYR B 410 10.87 14.72 14.66
N VAL B 411 10.89 13.86 15.68
CA VAL B 411 10.51 14.28 17.02
C VAL B 411 11.56 15.21 17.60
N GLN B 412 12.84 14.92 17.38
CA GLN B 412 13.90 15.72 17.99
C GLN B 412 14.08 17.06 17.28
N ASP B 413 13.94 17.09 15.96
CA ASP B 413 14.16 18.32 15.20
C ASP B 413 12.88 19.14 15.06
N ILE B 414 11.84 18.57 14.46
CA ILE B 414 10.62 19.32 14.18
C ILE B 414 9.88 19.65 15.48
N LEU B 415 9.69 18.66 16.35
CA LEU B 415 8.95 18.87 17.59
C LEU B 415 9.84 19.33 18.74
N GLY B 416 11.13 19.06 18.67
CA GLY B 416 12.06 19.51 19.71
C GLY B 416 11.87 18.88 21.06
N TYR B 417 11.71 17.55 21.12
CA TYR B 417 11.58 16.86 22.40
C TYR B 417 12.93 16.44 22.98
N SER B 418 14.02 16.58 22.24
CA SER B 418 15.36 16.18 22.70
C SER B 418 15.42 14.69 23.02
N ALA B 419 16.55 14.24 23.57
CA ALA B 419 16.76 12.81 23.78
C ALA B 419 15.95 12.27 24.94
N LEU B 420 15.92 13.00 26.07
CA LEU B 420 15.31 12.47 27.28
C LEU B 420 13.80 12.36 27.14
N ARG B 421 13.14 13.44 26.69
CA ARG B 421 11.70 13.47 26.66
C ARG B 421 11.13 12.54 25.59
N ALA B 422 11.86 12.38 24.48
CA ALA B 422 11.40 11.46 23.43
C ALA B 422 11.45 10.01 23.91
N GLY B 423 12.48 9.64 24.66
CA GLY B 423 12.58 8.28 25.14
C GLY B 423 11.48 7.92 26.13
N VAL B 424 11.16 8.84 27.03
CA VAL B 424 10.06 8.59 27.96
C VAL B 424 8.73 8.54 27.21
N GLY B 425 8.58 9.36 26.16
CA GLY B 425 7.36 9.34 25.38
C GLY B 425 7.18 8.09 24.55
N PHE B 426 8.25 7.35 24.29
CA PHE B 426 8.18 6.09 23.56
C PHE B 426 7.96 4.89 24.47
N ILE B 427 7.74 5.12 25.77
CA ILE B 427 7.41 4.01 26.66
C ILE B 427 6.16 3.27 26.21
N PRO B 428 5.08 3.93 25.77
CA PRO B 428 3.92 3.16 25.28
C PRO B 428 4.23 2.25 24.11
N PHE B 429 5.26 2.53 23.33
CA PHE B 429 5.61 1.65 22.21
C PHE B 429 6.04 0.28 22.73
N VAL B 430 6.83 0.25 23.80
CA VAL B 430 7.29 -1.02 24.35
C VAL B 430 6.12 -1.82 24.91
N ILE B 431 5.23 -1.17 25.66
CA ILE B 431 4.08 -1.85 26.23
C ILE B 431 3.18 -2.39 25.12
N ALA B 432 2.92 -1.57 24.09
CA ALA B 432 2.11 -2.03 22.97
C ALA B 432 2.80 -3.15 22.20
N MET B 433 4.12 -3.03 21.98
CA MET B 433 4.84 -4.09 21.29
C MET B 433 4.85 -5.37 22.12
N GLY B 434 5.02 -5.26 23.43
CA GLY B 434 4.97 -6.44 24.28
C GLY B 434 3.62 -7.12 24.26
N ILE B 435 2.54 -6.35 24.12
CA ILE B 435 1.22 -6.94 23.97
C ILE B 435 1.11 -7.70 22.65
N GLY B 436 1.65 -7.12 21.58
CA GLY B 436 1.55 -7.77 20.28
C GLY B 436 2.37 -9.04 20.19
N LEU B 437 3.56 -9.05 20.79
CA LEU B 437 4.38 -10.25 20.77
C LEU B 437 3.77 -11.37 21.59
N GLY B 438 3.21 -11.04 22.75
CA GLY B 438 2.60 -12.07 23.59
C GLY B 438 1.38 -12.70 22.94
N VAL B 439 0.54 -11.88 22.30
CA VAL B 439 -0.62 -12.41 21.60
C VAL B 439 -0.20 -13.25 20.41
N SER B 440 0.78 -12.78 19.64
CA SER B 440 1.20 -13.50 18.45
C SER B 440 1.83 -14.84 18.80
N SER B 441 2.40 -14.97 20.00
CA SER B 441 2.97 -16.25 20.40
C SER B 441 1.90 -17.29 20.68
N GLN B 442 0.68 -16.85 21.00
CA GLN B 442 -0.42 -17.78 21.21
C GLN B 442 -1.08 -18.18 19.89
N LEU B 443 -1.20 -17.23 18.97
CA LEU B 443 -1.92 -17.45 17.72
C LEU B 443 -1.08 -18.13 16.65
N VAL B 444 0.24 -18.24 16.84
CA VAL B 444 1.08 -18.81 15.81
C VAL B 444 0.78 -20.30 15.63
N SER B 445 0.42 -20.99 16.71
CA SER B 445 0.13 -22.41 16.61
C SER B 445 -1.12 -22.69 15.77
N ARG B 446 -2.06 -21.75 15.73
CA ARG B 446 -3.31 -21.95 15.00
C ARG B 446 -3.33 -21.32 13.62
N PHE B 447 -2.66 -20.19 13.44
CA PHE B 447 -2.67 -19.47 12.17
C PHE B 447 -1.30 -19.52 11.52
N SER B 448 -1.29 -19.64 10.20
CA SER B 448 -0.05 -19.72 9.44
C SER B 448 0.69 -18.38 9.53
N PRO B 449 2.02 -18.41 9.34
CA PRO B 449 2.78 -17.15 9.36
C PRO B 449 2.40 -16.18 8.25
N ARG B 450 1.74 -16.66 7.19
CA ARG B 450 1.31 -15.76 6.13
C ARG B 450 0.25 -14.78 6.63
N VAL B 451 -0.75 -15.27 7.36
CA VAL B 451 -1.88 -14.42 7.73
C VAL B 451 -1.53 -13.54 8.92
N LEU B 452 -0.62 -13.98 9.79
CA LEU B 452 -0.23 -13.14 10.92
C LEU B 452 0.72 -12.02 10.50
N THR B 453 1.57 -12.27 9.49
CA THR B 453 2.40 -11.19 8.96
C THR B 453 1.54 -10.11 8.31
N ILE B 454 0.56 -10.51 7.50
CA ILE B 454 -0.32 -9.54 6.86
C ILE B 454 -1.25 -8.91 7.87
N GLY B 455 -1.75 -9.69 8.84
CA GLY B 455 -2.66 -9.16 9.82
C GLY B 455 -2.04 -8.06 10.66
N GLY B 456 -0.79 -8.25 11.07
CA GLY B 456 -0.07 -7.18 11.76
C GLY B 456 0.38 -6.07 10.83
N GLY B 457 0.54 -6.37 9.54
CA GLY B 457 0.92 -5.35 8.59
C GLY B 457 -0.15 -4.31 8.36
N TYR B 458 -1.42 -4.71 8.44
CA TYR B 458 -2.50 -3.75 8.22
C TYR B 458 -2.67 -2.82 9.42
N LEU B 459 -2.34 -3.29 10.62
CA LEU B 459 -2.31 -2.38 11.76
C LEU B 459 -1.18 -1.37 11.63
N LEU B 460 -0.07 -1.77 10.99
CA LEU B 460 0.98 -0.81 10.67
C LEU B 460 0.51 0.21 9.65
N PHE B 461 -0.25 -0.22 8.65
CA PHE B 461 -0.71 0.68 7.60
C PHE B 461 -1.62 1.78 8.17
N GLY B 462 -2.55 1.41 9.05
CA GLY B 462 -3.42 2.40 9.63
C GLY B 462 -2.71 3.36 10.56
N ALA B 463 -1.58 2.93 11.13
CA ALA B 463 -0.83 3.79 12.04
C ALA B 463 -0.17 4.95 11.30
N MET B 464 0.50 4.66 10.19
CA MET B 464 1.20 5.72 9.46
C MET B 464 0.28 6.52 8.55
N LEU B 465 -0.90 6.00 8.22
CA LEU B 465 -1.90 6.84 7.56
C LEU B 465 -2.48 7.86 8.54
N TYR B 466 -2.81 7.41 9.76
CA TYR B 466 -3.24 8.34 10.79
C TYR B 466 -2.10 9.19 11.31
N GLY B 467 -0.87 8.68 11.25
CA GLY B 467 0.30 9.43 11.65
C GLY B 467 0.82 10.41 10.64
N SER B 468 0.19 10.48 9.47
CA SER B 468 0.53 11.45 8.44
C SER B 468 -0.44 12.63 8.41
N PHE B 469 -1.73 12.37 8.60
CA PHE B 469 -2.72 13.44 8.57
C PHE B 469 -2.63 14.34 9.79
N PHE B 470 -2.29 13.79 10.96
CA PHE B 470 -2.41 14.49 12.22
C PHE B 470 -1.06 14.85 12.84
N MET B 471 -0.06 15.17 12.01
CA MET B 471 1.26 15.55 12.49
C MET B 471 1.70 16.87 11.89
N HIS B 472 1.78 17.90 12.73
CA HIS B 472 2.51 19.13 12.44
C HIS B 472 3.12 19.60 13.74
N ARG B 473 3.91 20.68 13.68
CA ARG B 473 4.57 21.16 14.88
C ARG B 473 3.57 21.85 15.80
N GLY B 474 3.59 21.46 17.08
CA GLY B 474 2.76 22.08 18.09
C GLY B 474 1.52 21.30 18.49
N VAL B 475 1.31 20.11 17.94
CA VAL B 475 0.14 19.30 18.29
C VAL B 475 0.29 18.76 19.70
N PRO B 476 -0.79 18.44 20.39
CA PRO B 476 -0.67 17.80 21.70
C PRO B 476 -0.08 16.40 21.57
N TYR B 477 0.38 15.88 22.70
CA TYR B 477 1.03 14.57 22.71
C TYR B 477 0.03 13.42 22.75
N PHE B 478 -1.04 13.56 23.53
CA PHE B 478 -1.96 12.45 23.74
C PHE B 478 -2.88 12.21 22.54
N PRO B 479 -3.66 13.20 22.07
CA PRO B 479 -4.59 12.89 20.98
C PRO B 479 -3.91 12.46 19.70
N ASN B 480 -2.73 12.99 19.40
CA ASN B 480 -2.16 12.90 18.07
C ASN B 480 -1.03 11.89 17.95
N LEU B 481 -0.16 11.80 18.95
CA LEU B 481 1.05 10.97 18.85
C LEU B 481 0.95 9.64 19.57
N VAL B 482 0.17 9.56 20.65
CA VAL B 482 0.08 8.31 21.41
C VAL B 482 -0.53 7.20 20.56
N MET B 483 -1.62 7.50 19.87
CA MET B 483 -2.34 6.46 19.13
C MET B 483 -1.52 5.85 18.00
N PRO B 484 -0.85 6.61 17.12
CA PRO B 484 -0.05 5.95 16.07
C PRO B 484 1.05 5.07 16.63
N ILE B 485 1.66 5.48 17.74
CA ILE B 485 2.76 4.70 18.31
C ILE B 485 2.23 3.40 18.92
N VAL B 486 1.10 3.47 19.63
CA VAL B 486 0.57 2.28 20.29
C VAL B 486 0.03 1.29 19.28
N VAL B 487 -0.79 1.77 18.34
CA VAL B 487 -1.40 0.86 17.36
C VAL B 487 -0.33 0.28 16.45
N GLY B 488 0.61 1.11 16.00
CA GLY B 488 1.69 0.60 15.16
C GLY B 488 2.59 -0.39 15.87
N GLY B 489 2.76 -0.23 17.18
CA GLY B 489 3.59 -1.16 17.93
C GLY B 489 2.99 -2.55 18.00
N ILE B 490 1.67 -2.64 18.18
CA ILE B 490 1.01 -3.94 18.21
C ILE B 490 1.10 -4.63 16.86
N GLY B 491 0.91 -3.89 15.77
CA GLY B 491 0.99 -4.48 14.45
C GLY B 491 2.41 -4.94 14.10
N ILE B 492 3.41 -4.17 14.50
CA ILE B 492 4.80 -4.56 14.25
C ILE B 492 5.15 -5.80 15.06
N GLY B 493 4.78 -5.81 16.35
CA GLY B 493 5.09 -6.95 17.18
C GLY B 493 4.36 -8.22 16.79
N MET B 494 3.20 -8.07 16.16
CA MET B 494 2.43 -9.24 15.75
C MET B 494 3.10 -9.97 14.60
N ALA B 495 3.78 -9.26 13.70
CA ALA B 495 4.38 -9.84 12.52
C ALA B 495 5.83 -10.25 12.71
N VAL B 496 6.42 -9.99 13.88
CA VAL B 496 7.82 -10.34 14.09
C VAL B 496 7.95 -11.80 14.48
N VAL B 497 7.06 -12.30 15.33
CA VAL B 497 7.17 -13.69 15.78
C VAL B 497 7.01 -14.70 14.64
N PRO B 498 6.00 -14.59 13.77
CA PRO B 498 5.91 -15.54 12.65
C PRO B 498 7.12 -15.51 11.72
N LEU B 499 7.69 -14.32 11.49
CA LEU B 499 8.84 -14.23 10.60
C LEU B 499 10.08 -14.86 11.22
N THR B 500 10.23 -14.72 12.54
CA THR B 500 11.40 -15.28 13.21
C THR B 500 11.36 -16.80 13.24
N LEU B 501 10.18 -17.37 13.50
CA LEU B 501 10.05 -18.82 13.59
C LEU B 501 10.26 -19.48 12.23
N SER B 502 9.79 -18.85 11.16
CA SER B 502 9.92 -19.45 9.82
C SER B 502 11.36 -19.44 9.33
N ALA B 503 12.19 -18.51 9.81
CA ALA B 503 13.57 -18.44 9.35
C ALA B 503 14.47 -19.50 9.98
N ILE B 504 14.00 -20.17 11.04
CA ILE B 504 14.80 -21.19 11.71
C ILE B 504 14.03 -22.50 11.71
N ALA B 505 13.20 -22.71 10.70
CA ALA B 505 12.32 -23.87 10.61
C ALA B 505 12.95 -24.94 9.73
N GLY B 506 13.00 -26.16 10.24
CA GLY B 506 13.41 -27.32 9.45
C GLY B 506 14.82 -27.26 8.89
N VAL B 507 15.79 -26.92 9.73
CA VAL B 507 17.17 -26.75 9.30
C VAL B 507 18.09 -27.79 9.95
N GLY B 508 17.88 -28.11 11.21
CA GLY B 508 18.74 -29.05 11.91
C GLY B 508 19.71 -28.35 12.83
N PHE B 509 20.54 -29.16 13.49
CA PHE B 509 21.50 -28.66 14.46
C PHE B 509 22.87 -28.41 13.85
N ASP B 510 23.23 -29.13 12.78
CA ASP B 510 24.52 -28.92 12.14
C ASP B 510 24.54 -27.67 11.28
N GLN B 511 23.38 -27.19 10.83
CA GLN B 511 23.30 -26.08 9.90
C GLN B 511 22.55 -24.88 10.47
N ILE B 512 22.19 -24.91 11.76
CA ILE B 512 21.54 -23.75 12.37
C ILE B 512 22.54 -22.61 12.58
N GLY B 513 23.83 -22.91 12.59
CA GLY B 513 24.85 -21.89 12.76
C GLY B 513 24.83 -20.84 11.66
N PRO B 514 25.21 -21.25 10.44
CA PRO B 514 25.22 -20.28 9.33
C PRO B 514 23.86 -19.69 9.00
N VAL B 515 22.77 -20.43 9.20
CA VAL B 515 21.45 -19.88 8.91
C VAL B 515 21.13 -18.73 9.84
N SER B 516 21.46 -18.87 11.13
CA SER B 516 21.24 -17.76 12.06
C SER B 516 22.13 -16.57 11.75
N ALA B 517 23.37 -16.82 11.33
CA ALA B 517 24.27 -15.73 10.98
C ALA B 517 23.77 -14.97 9.75
N ILE B 518 23.26 -15.70 8.75
CA ILE B 518 22.77 -15.06 7.54
C ILE B 518 21.51 -14.25 7.84
N ALA B 519 20.66 -14.76 8.73
CA ALA B 519 19.41 -14.07 9.04
C ALA B 519 19.66 -12.70 9.66
N LEU B 520 20.63 -12.62 10.58
CA LEU B 520 20.95 -11.33 11.18
C LEU B 520 21.69 -10.41 10.21
N MET B 521 22.42 -10.98 9.26
CA MET B 521 23.09 -10.16 8.24
C MET B 521 22.07 -9.45 7.35
N LEU B 522 21.11 -10.21 6.81
CA LEU B 522 20.14 -9.62 5.90
C LEU B 522 19.23 -8.63 6.62
N GLN B 523 18.91 -8.88 7.89
CA GLN B 523 18.06 -7.97 8.64
C GLN B 523 18.73 -6.60 8.80
N SER B 524 20.02 -6.60 9.13
CA SER B 524 20.74 -5.34 9.34
C SER B 524 21.16 -4.69 8.03
N LEU B 525 21.47 -5.48 7.01
CA LEU B 525 21.99 -4.91 5.76
C LEU B 525 20.89 -4.19 4.98
N GLY B 526 19.64 -4.61 5.12
CA GLY B 526 18.56 -3.99 4.38
C GLY B 526 18.19 -2.61 4.86
N GLY B 527 18.64 -2.23 6.06
CA GLY B 527 18.34 -0.92 6.60
C GLY B 527 18.84 0.24 5.77
N PRO B 528 20.17 0.35 5.62
CA PRO B 528 20.71 1.48 4.85
C PRO B 528 20.26 1.54 3.41
N LEU B 529 19.92 0.40 2.79
CA LEU B 529 19.47 0.42 1.40
C LEU B 529 18.13 1.12 1.26
N VAL B 530 17.16 0.75 2.11
CA VAL B 530 15.84 1.35 2.01
C VAL B 530 15.87 2.79 2.48
N LEU B 531 16.61 3.07 3.56
CA LEU B 531 16.66 4.43 4.09
C LEU B 531 17.33 5.39 3.12
N ALA B 532 18.24 4.90 2.27
CA ALA B 532 18.85 5.75 1.27
C ALA B 532 17.82 6.25 0.26
N VAL B 533 16.89 5.39 -0.14
CA VAL B 533 15.82 5.81 -1.04
C VAL B 533 14.86 6.74 -0.32
N ILE B 534 14.50 6.43 0.93
CA ILE B 534 13.55 7.24 1.68
C ILE B 534 14.13 8.63 1.94
N GLN B 535 15.41 8.71 2.31
CA GLN B 535 16.02 10.02 2.58
C GLN B 535 16.16 10.83 1.30
N ALA B 536 16.29 10.17 0.15
CA ALA B 536 16.35 10.90 -1.12
C ALA B 536 15.02 11.58 -1.42
N VAL B 537 13.91 10.91 -1.09
CA VAL B 537 12.59 11.50 -1.31
C VAL B 537 12.36 12.66 -0.34
N ILE B 538 12.85 12.53 0.89
CA ILE B 538 12.71 13.61 1.86
C ILE B 538 13.45 14.86 1.39
N THR B 539 14.67 14.68 0.88
CA THR B 539 15.47 15.82 0.45
C THR B 539 14.89 16.46 -0.81
N SER B 540 14.38 15.66 -1.74
CA SER B 540 13.85 16.21 -2.98
C SER B 540 12.60 17.05 -2.72
N ARG B 541 11.73 16.60 -1.83
CA ARG B 541 10.49 17.34 -1.58
C ARG B 541 10.75 18.59 -0.75
N THR B 542 11.79 18.58 0.09
CA THR B 542 12.13 19.77 0.84
C THR B 542 12.50 20.92 -0.08
N LEU B 543 13.27 20.63 -1.14
CA LEU B 543 13.67 21.66 -2.09
C LEU B 543 12.47 22.16 -2.90
N TYR B 544 11.56 21.26 -3.24
CA TYR B 544 10.42 21.65 -4.06
C TYR B 544 9.44 22.52 -3.28
N LEU B 545 9.17 22.16 -2.02
CA LEU B 545 8.30 22.97 -1.18
C LEU B 545 8.90 24.30 -0.80
N GLY B 546 10.20 24.48 -1.01
CA GLY B 546 10.89 25.70 -0.63
C GLY B 546 11.68 25.51 0.65
N GLY B 547 12.98 25.28 0.50
CA GLY B 547 13.81 25.00 1.67
C GLY B 547 15.25 24.86 1.25
N THR B 548 16.09 24.58 2.25
CA THR B 548 17.52 24.46 2.05
C THR B 548 18.03 23.22 2.76
N THR B 549 19.21 22.76 2.34
CA THR B 549 19.87 21.61 2.96
C THR B 549 20.99 22.11 3.86
N GLY B 550 20.93 21.71 5.13
CA GLY B 550 21.92 22.11 6.10
C GLY B 550 21.47 21.85 7.52
N PRO B 551 22.24 22.33 8.48
CA PRO B 551 21.85 22.16 9.89
C PRO B 551 20.52 22.85 10.17
N VAL B 552 19.74 22.21 11.04
CA VAL B 552 18.38 22.67 11.31
C VAL B 552 18.37 23.96 12.11
N LYS B 553 19.39 24.25 12.88
CA LYS B 553 19.28 25.42 13.77
C LYS B 553 19.43 26.70 12.95
N PHE B 554 19.74 26.58 11.68
CA PHE B 554 19.95 27.76 10.82
C PHE B 554 18.87 27.76 9.75
N MET B 555 17.60 27.69 10.11
CA MET B 555 16.50 27.58 9.13
C MET B 555 15.35 28.39 9.71
N ASN B 556 14.82 29.36 8.98
CA ASN B 556 13.76 30.20 9.58
C ASN B 556 12.47 29.43 9.60
N ASP B 557 11.35 30.10 9.76
CA ASP B 557 10.08 29.37 9.92
C ASP B 557 9.34 29.25 8.60
N VAL B 558 10.02 28.94 7.51
CA VAL B 558 9.31 28.65 6.24
C VAL B 558 10.11 27.49 5.69
N GLN B 559 11.43 27.49 5.85
CA GLN B 559 12.25 26.33 5.53
C GLN B 559 12.08 25.25 6.58
N LEU B 560 11.77 25.63 7.82
CA LEU B 560 11.45 24.65 8.85
C LEU B 560 10.09 24.03 8.62
N ALA B 561 9.11 24.82 8.17
CA ALA B 561 7.79 24.29 7.88
C ALA B 561 7.81 23.37 6.68
N ALA B 562 8.63 23.67 5.68
CA ALA B 562 8.74 22.79 4.51
C ALA B 562 9.32 21.44 4.91
N LEU B 563 10.30 21.43 5.81
CA LEU B 563 10.83 20.18 6.31
C LEU B 563 9.80 19.40 7.10
N ASP B 564 8.90 20.09 7.80
CA ASP B 564 7.81 19.43 8.51
C ASP B 564 6.91 18.66 7.53
N HIS B 565 6.52 19.30 6.43
CA HIS B 565 5.67 18.65 5.45
C HIS B 565 6.43 17.66 4.58
N ALA B 566 7.76 17.77 4.50
CA ALA B 566 8.52 16.81 3.74
C ALA B 566 8.59 15.46 4.45
N TYR B 567 8.82 15.47 5.77
CA TYR B 567 8.89 14.23 6.52
C TYR B 567 7.55 13.51 6.51
N THR B 568 6.45 14.25 6.67
CA THR B 568 5.13 13.64 6.68
C THR B 568 4.81 13.04 5.31
N TYR B 569 5.19 13.72 4.23
CA TYR B 569 5.01 13.16 2.89
C TYR B 569 5.84 11.89 2.71
N GLY B 570 7.07 11.89 3.21
CA GLY B 570 7.92 10.72 3.11
C GLY B 570 7.49 9.55 3.98
N LEU B 571 6.63 9.79 4.96
CA LEU B 571 6.07 8.68 5.75
C LEU B 571 5.19 7.79 4.89
N LEU B 572 4.58 8.34 3.84
CA LEU B 572 3.74 7.52 2.96
C LEU B 572 4.58 6.65 2.03
N TRP B 573 5.79 7.09 1.68
CA TRP B 573 6.67 6.24 0.88
C TRP B 573 7.28 5.11 1.70
N VAL B 574 7.29 5.23 3.03
CA VAL B 574 7.64 4.10 3.87
C VAL B 574 6.58 3.03 3.75
N ALA B 575 5.30 3.43 3.66
CA ALA B 575 4.23 2.47 3.42
C ALA B 575 4.36 1.83 2.04
N GLY B 576 4.90 2.56 1.07
CA GLY B 576 5.14 1.97 -0.25
C GLY B 576 6.13 0.83 -0.21
N ALA B 577 7.15 0.94 0.66
CA ALA B 577 8.07 -0.17 0.86
C ALA B 577 7.42 -1.29 1.66
N ALA B 578 6.53 -0.96 2.58
CA ALA B 578 5.83 -1.99 3.34
C ALA B 578 4.90 -2.82 2.47
N ILE B 579 4.34 -2.22 1.43
CA ILE B 579 3.52 -2.97 0.49
C ILE B 579 4.37 -4.00 -0.25
N ILE B 580 5.60 -3.62 -0.61
CA ILE B 580 6.51 -4.56 -1.26
C ILE B 580 6.85 -5.70 -0.32
N VAL B 581 7.03 -5.40 0.96
CA VAL B 581 7.34 -6.43 1.94
C VAL B 581 6.18 -7.42 2.04
N GLY B 582 4.95 -6.90 2.12
CA GLY B 582 3.79 -7.76 2.21
C GLY B 582 3.55 -8.59 0.98
N GLY B 583 3.84 -8.04 -0.21
CA GLY B 583 3.68 -8.80 -1.43
C GLY B 583 4.60 -10.00 -1.51
N MET B 584 5.82 -9.86 -1.00
CA MET B 584 6.72 -11.00 -0.94
C MET B 584 6.27 -12.02 0.10
N ALA B 585 5.54 -11.58 1.13
CA ALA B 585 5.06 -12.49 2.16
C ALA B 585 3.91 -13.38 1.69
N LEU B 586 3.34 -13.10 0.51
CA LEU B 586 2.28 -13.95 -0.03
C LEU B 586 2.78 -15.31 -0.47
N PHE B 587 4.09 -15.50 -0.60
CA PHE B 587 4.67 -16.73 -1.13
C PHE B 587 5.36 -17.56 -0.06
N ILE B 588 5.07 -17.31 1.21
CA ILE B 588 5.73 -18.06 2.28
C ILE B 588 5.27 -19.51 2.26
N GLY B 589 3.98 -19.74 2.47
CA GLY B 589 3.44 -21.08 2.35
C GLY B 589 3.75 -22.02 3.48
N TYR B 590 4.37 -21.55 4.56
CA TYR B 590 4.60 -22.40 5.72
C TYR B 590 3.29 -22.67 6.44
N THR B 591 3.11 -23.91 6.85
CA THR B 591 1.92 -24.25 7.62
C THR B 591 2.23 -24.20 9.12
N PRO B 592 1.22 -23.99 9.97
CA PRO B 592 1.51 -23.81 11.40
C PRO B 592 2.11 -25.03 12.08
N GLN B 593 2.00 -26.23 11.49
CA GLN B 593 2.57 -27.41 12.11
C GLN B 593 4.06 -27.58 11.83
N GLN B 594 4.65 -26.75 10.98
CA GLN B 594 6.09 -26.77 10.73
C GLN B 594 6.84 -25.73 11.55
N VAL B 595 6.39 -24.48 11.51
CA VAL B 595 7.06 -23.43 12.26
C VAL B 595 6.84 -23.61 13.76
N ALA B 596 5.66 -24.07 14.17
CA ALA B 596 5.33 -24.25 15.58
C ALA B 596 4.48 -25.50 15.71
N HIS B 597 3.81 -25.64 16.85
CA HIS B 597 2.83 -26.71 17.09
C HIS B 597 3.51 -28.07 16.92
N ALA B 598 4.42 -28.34 17.85
CA ALA B 598 5.07 -29.64 17.93
C ALA B 598 5.20 -30.09 19.37
C7 A1ATG C . -13.91 1.52 -14.61
C8 A1ATG C . -14.07 2.80 -15.47
C9 A1ATG C . -13.42 2.78 -16.89
C1 A1ATG C . -18.89 -2.47 -15.54
C5 A1ATG C . -15.05 -0.24 -16.11
C6 A1ATG C . -14.04 0.17 -15.30
C4 A1ATG C . -15.18 -1.58 -16.81
C3 A1ATG C . -16.59 -2.25 -16.86
C2 A1ATG C . -17.73 -1.55 -16.04
C10 A1ATG C . -12.59 4.04 -17.28
C11 A1ATG C . -13.37 5.39 -17.36
C12 A1ATG C . -12.52 6.67 -17.27
C13 A1ATG C . -11.04 6.51 -17.70
C14 A1ATG C . -10.62 7.41 -18.84
C17 A1ATG C . -9.77 9.64 -18.96
C18 A1ATG C . -9.50 10.60 -17.73
C19 A1ATG C . -10.87 11.14 -17.19
C25 A1ATG C . -12.79 15.94 -16.33
C26 A1ATG C . -12.60 16.90 -15.12
C27 A1ATG C . -13.18 18.33 -15.39
C31 A1ATG C . -7.63 9.31 -16.84
C33 A1ATG C . -7.22 8.09 -16.01
C34 A1ATG C . -5.71 7.93 -15.77
C35 A1ATG C . -5.28 6.81 -14.77
C36 A1ATG C . -3.98 6.07 -15.11
C37 A1ATG C . -2.96 5.92 -13.94
C38 A1ATG C . -2.35 7.26 -13.49
C39 A1ATG C . -1.17 7.21 -12.51
C40 A1ATG C . -0.29 8.49 -12.50
C41 A1ATG C . -1.04 9.83 -12.27
C42 A1ATG C . -0.17 11.12 -12.27
C43 A1ATG C . -0.90 12.41 -12.69
C44 A1ATG C . -1.02 13.50 -11.59
C45 A1ATG C . -2.28 13.39 -10.71
O15 A1ATG C . -10.13 7.03 -19.88
O16 A1ATG C . -10.85 8.76 -18.67
O20 A1ATG C . -10.81 12.48 -16.86
O22 A1ATG C . -13.01 13.31 -17.92
O23 A1ATG C . -12.90 12.78 -15.36
O24 A1ATG C . -11.84 14.95 -16.33
O28 A1ATG C . -13.17 18.52 -16.78
O29 A1ATG C . -13.34 16.37 -14.07
O30 A1ATG C . -8.86 9.89 -16.65
O32 A1ATG C . -6.87 9.76 -17.67
P21 A1ATG C . -12.31 13.32 -16.61
C15 A1ATG C . -2.27 14.17 -9.39
C16 A1ATG C . -3.55 14.00 -8.57
C20 A1ATG C . -18.52 -3.52 -14.46
C21 A1ATG C . -19.37 -3.48 -13.16
C22 A1ATG C . -19.37 -4.75 -12.29
C23 A1ATG C . -18.76 -5.99 -12.95
C7 A1ATG D . 4.44 -5.49 7.55
C8 A1ATG D . 4.22 -6.10 6.13
C9 A1ATG D . 2.75 -6.39 5.69
C1 A1ATG D . 10.96 -6.29 11.24
C5 A1ATG D . 6.39 -5.38 9.22
C6 A1ATG D . 5.56 -6.07 8.42
C4 A1ATG D . 7.51 -5.97 10.09
C3 A1ATG D . 8.74 -5.07 10.45
C2 A1ATG D . 9.65 -5.54 11.63
C10 A1ATG D . 2.22 -5.57 4.48
C11 A1ATG D . 0.68 -5.36 4.39
C12 A1ATG D . 0.12 -4.96 3.01
C13 A1ATG D . -0.94 -5.92 2.42
C14 A1ATG D . -0.56 -6.50 1.06
C17 A1ATG D . -1.19 -6.12 -1.21
C18 A1ATG D . -2.43 -5.49 -1.96
C19 A1ATG D . -3.68 -6.43 -1.81
C31 A1ATG D . -2.22 -4.13 -3.95
C33 A1ATG D . -3.54 -3.65 -4.53
C34 A1ATG D . -3.46 -2.97 -5.91
C35 A1ATG D . -4.81 -2.50 -6.51
C36 A1ATG D . -5.93 -3.57 -6.56
C37 A1ATG D . -6.57 -3.78 -7.95
C38 A1ATG D . -7.24 -2.52 -8.52
C39 A1ATG D . -7.17 -2.32 -10.05
C40 A1ATG D . -8.53 -2.08 -10.76
C41 A1ATG D . -9.05 -0.63 -10.76
C42 A1ATG D . -10.55 -0.47 -11.10
C43 A1ATG D . -11.20 -1.62 -11.90
C44 A1ATG D . -12.71 -1.47 -12.21
C45 A1ATG D . -13.65 -2.40 -11.42
O15 A1ATG D . 0.54 -6.91 0.78
O16 A1ATG D . -1.55 -6.54 0.10
O30 A1ATG D . -2.15 -5.35 -3.36
O32 A1ATG D . -1.24 -3.41 -4.00
C15 A1ATG D . -14.97 -2.79 -12.10
C16 A1ATG D . -15.58 -4.08 -11.56
C20 A1ATG D . 11.09 -7.77 11.72
C21 A1ATG D . 12.23 -8.61 11.09
C22 A1ATG D . 12.04 -10.13 11.07
C23 A1ATG D . 13.33 -10.95 11.07
C7 A1ATG E . -6.02 -10.36 9.01
C8 A1ATG E . -6.07 -10.53 7.44
C9 A1ATG E . -5.66 -11.91 6.85
C1 A1ATG E . -9.97 -12.46 10.35
C5 A1ATG E . -8.21 -9.04 9.35
C6 A1ATG E . -7.31 -9.97 9.72
C4 A1ATG E . -9.51 -8.67 10.08
C3 A1ATG E . -10.44 -9.83 10.58
C2 A1ATG E . -10.52 -11.14 9.70
C10 A1ATG E . -4.85 -11.90 5.53
C11 A1ATG E . -4.81 -13.22 4.72
C12 A1ATG E . -3.81 -13.29 3.55
C13 A1ATG E . -3.19 -14.69 3.28
C14 A1ATG E . -3.99 -15.53 2.31
C17 A1ATG E . -4.44 -16.02 0.04
C18 A1ATG E . -3.76 -16.84 -1.13
C19 A1ATG E . -3.80 -18.36 -0.80
C25 A1ATG E . -4.22 -21.64 0.55
C26 A1ATG E . -5.19 -20.90 1.54
C27 A1ATG E . -5.50 -21.74 2.82
C31 A1ATG E . -1.90 -16.24 -2.56
C33 A1ATG E . -1.71 -14.80 -3.04
C34 A1ATG E . -2.24 -14.50 -4.46
C35 A1ATG E . -1.60 -13.27 -5.18
C36 A1ATG E . -0.54 -13.59 -6.25
C37 A1ATG E . 0.81 -12.84 -6.12
C38 A1ATG E . 1.10 -11.84 -7.25
C39 A1ATG E . 1.41 -10.40 -6.83
C40 A1ATG E . 2.85 -10.16 -6.31
C41 A1ATG E . 3.99 -10.17 -7.34
C42 A1ATG E . 5.43 -10.10 -6.76
C43 A1ATG E . 5.55 -9.86 -5.24
C44 A1ATG E . 6.14 -8.50 -4.81
C45 A1ATG E . 7.43 -8.07 -5.55
O15 A1ATG E . -5.03 -16.09 2.58
O16 A1ATG E . -3.50 -15.64 1.02
O20 A1ATG E . -2.76 -19.04 -1.39
O22 A1ATG E . -3.29 -20.93 -3.06
O23 A1ATG E . -1.78 -21.41 -0.98
O24 A1ATG E . -4.34 -21.13 -0.72
O28 A1ATG E . -4.95 -23.00 2.62
O29 A1ATG E . -6.39 -20.74 0.87
O30 A1ATG E . -2.39 -16.47 -1.30
O32 A1ATG E . -1.62 -17.18 -3.28
P21 A1ATG E . -2.93 -20.75 -1.63
C15 A1ATG E . 7.72 -6.55 -5.59
C16 A1ATG E . 6.50 -5.69 -5.27
C20 A1ATG E . -9.34 -13.53 9.39
C21 A1ATG E . -8.62 -14.72 10.09
C22 A1ATG E . -8.15 -15.89 9.18
C23 A1ATG E . -8.31 -15.66 7.68
C7 A1ATG F . 12.49 -4.96 14.87
C8 A1ATG F . 13.46 -3.92 15.52
C9 A1ATG F . 13.34 -3.65 17.05
C1 A1ATG F . 16.07 -10.62 15.07
C5 A1ATG F . 13.31 -7.08 16.08
C6 A1ATG F . 12.33 -6.30 15.60
C4 A1ATG F . 13.15 -8.41 16.81
C3 A1ATG F . 14.27 -9.48 16.66
C2 A1ATG F . 15.19 -9.38 15.41
C10 A1ATG F . 13.06 -2.18 17.48
C11 A1ATG F . 14.26 -1.21 17.53
C12 A1ATG F . 13.93 0.30 17.57
C13 A1ATG F . 12.47 0.65 17.98
C14 A1ATG F . 12.37 1.58 19.19
C17 A1ATG F . 12.54 3.96 19.40
C18 A1ATG F . 12.52 4.81 18.08
C19 A1ATG F . 13.99 4.89 17.50
C25 A1ATG F . 17.48 8.78 17.12
C26 A1ATG F . 17.88 9.68 15.90
C27 A1ATG F . 18.89 10.81 16.28
C31 A1ATG F . 10.34 4.14 17.20
C33 A1ATG F . 9.51 3.33 16.21
C34 A1ATG F . 8.13 3.92 15.84
C35 A1ATG F . 7.29 3.16 14.78
C36 A1ATG F . 5.79 2.97 15.09
C37 A1ATG F . 4.79 3.37 13.97
C38 A1ATG F . 4.44 4.86 13.95
C39 A1ATG F . 3.79 5.44 12.68
C40 A1ATG F . 3.22 6.88 12.82
C41 A1ATG F . 4.08 7.89 13.61
C42 A1ATG F . 3.92 9.38 13.21
C43 A1ATG F . 4.99 10.35 13.79
C44 A1ATG F . 5.63 11.31 12.74
C45 A1ATG F . 6.80 10.71 11.93
O15 A1ATG F . 11.65 1.38 20.14
O16 A1ATG F . 13.17 2.70 19.19
O20 A1ATG F . 14.42 6.19 17.32
O22 A1ATG F . 16.65 6.26 18.62
O23 A1ATG F . 16.64 5.71 16.07
O24 A1ATG F . 16.28 8.14 16.90
O28 A1ATG F . 18.88 10.92 17.67
O29 A1ATG F . 18.53 8.85 14.99
O30 A1ATG F . 11.71 4.16 17.08
O32 A1ATG F . 9.80 4.78 18.08
P21 A1ATG F . 16.14 6.47 17.23
C15 A1ATG F . 7.11 11.36 10.57
C16 A1ATG F . 8.27 10.71 9.83
C20 A1ATG F . 15.54 -11.55 13.92
C21 A1ATG F . 16.52 -11.77 12.74
C22 A1ATG F . 16.23 -12.99 11.83
C23 A1ATG F . 15.13 -13.93 12.32
#